data_1RV8
#
_entry.id   1RV8
#
_cell.length_a   99.354
_cell.length_b   57.629
_cell.length_c   138.577
_cell.angle_alpha   90.00
_cell.angle_beta   90.23
_cell.angle_gamma   90.00
#
_symmetry.space_group_name_H-M   'P 1 2 1'
#
loop_
_entity.id
_entity.type
_entity.pdbx_description
1 polymer 'fructose-1,6-bisphosphate aldolase'
2 non-polymer 'SULFATE ION'
3 non-polymer 'COBALT (II) ION'
4 non-polymer 'SODIUM ION'
5 water water
#
_entity_poly.entity_id   1
_entity_poly.type   'polypeptide(L)'
_entity_poly.pdbx_seq_one_letter_code
;MLVTGLEILKKAREEGYGVGAFNVNNMEFLQAVLEAAEEQRSPVILALSEGAMKYGGRALTLMAVELAKEARVPVAVHLD
HGSSYESVLRALRAGFTSVMIDKSHEDFETNVRETRRVVEAAHAVGVTVEAELGRLAGIEEHVAVDEKDALLTNPEEARI
FMERTGADYLAVAIGTSHGAYKGKGRPFIDHARLERIARLVPAPLVLHGASAVPPELVERFRASGGEIGEAAGIHPEDIK
KAISLGIAKINTDTDLRLAFTALIREALNKNPKEFDPRKYLGPAREAVKEVVKSRMELFGSVGRA
;
_entity_poly.pdbx_strand_id   A,B,C,D
#
loop_
_chem_comp.id
_chem_comp.type
_chem_comp.name
_chem_comp.formula
CO non-polymer 'COBALT (II) ION' 'Co 2'
NA non-polymer 'SODIUM ION' 'Na 1'
SO4 non-polymer 'SULFATE ION' 'O4 S -2'
#
# COMPACT_ATOMS: atom_id res chain seq x y z
N MET A 1 -25.66 -11.30 -39.33
CA MET A 1 -25.71 -12.52 -40.17
C MET A 1 -24.37 -12.68 -40.88
N LEU A 2 -23.95 -13.92 -41.09
CA LEU A 2 -22.68 -14.19 -41.76
C LEU A 2 -22.87 -14.20 -43.28
N VAL A 3 -22.18 -13.30 -43.96
CA VAL A 3 -22.27 -13.18 -45.42
C VAL A 3 -20.87 -13.09 -46.03
N THR A 4 -20.80 -13.15 -47.35
CA THR A 4 -19.50 -13.06 -48.02
C THR A 4 -18.96 -11.63 -47.97
N GLY A 5 -17.65 -11.48 -48.16
CA GLY A 5 -17.06 -10.17 -48.15
C GLY A 5 -17.58 -9.29 -49.27
N LEU A 6 -17.86 -9.88 -50.43
CA LEU A 6 -18.35 -9.12 -51.58
C LEU A 6 -19.75 -8.57 -51.37
N GLU A 7 -20.63 -9.37 -50.77
CA GLU A 7 -21.99 -8.90 -50.55
C GLU A 7 -21.94 -7.58 -49.79
N ILE A 8 -20.97 -7.47 -48.88
CA ILE A 8 -20.81 -6.26 -48.09
C ILE A 8 -20.08 -5.15 -48.84
N LEU A 9 -18.99 -5.51 -49.52
CA LEU A 9 -18.19 -4.54 -50.23
C LEU A 9 -18.85 -3.95 -51.49
N LYS A 10 -19.58 -4.78 -52.23
CA LYS A 10 -20.28 -4.33 -53.43
C LYS A 10 -21.33 -3.29 -53.03
N LYS A 11 -22.10 -3.60 -51.99
CA LYS A 11 -23.13 -2.68 -51.51
C LYS A 11 -22.47 -1.37 -51.07
N ALA A 12 -21.37 -1.51 -50.33
CA ALA A 12 -20.64 -0.34 -49.85
C ALA A 12 -20.20 0.61 -50.97
N ARG A 13 -19.47 0.09 -51.95
CA ARG A 13 -19.01 0.95 -53.04
C ARG A 13 -20.17 1.58 -53.80
N GLU A 14 -21.20 0.80 -54.09
CA GLU A 14 -22.35 1.34 -54.80
C GLU A 14 -22.96 2.51 -54.02
N GLU A 15 -23.03 2.38 -52.69
CA GLU A 15 -23.63 3.41 -51.85
C GLU A 15 -22.68 4.47 -51.29
N GLY A 16 -21.42 4.46 -51.69
CA GLY A 16 -20.48 5.47 -51.25
C GLY A 16 -19.98 5.50 -49.81
N TYR A 17 -19.84 4.34 -49.16
CA TYR A 17 -19.32 4.33 -47.80
C TYR A 17 -18.28 3.23 -47.65
N GLY A 18 -17.56 3.25 -46.54
CA GLY A 18 -16.55 2.25 -46.30
C GLY A 18 -16.91 1.31 -45.16
N VAL A 19 -16.46 0.07 -45.26
CA VAL A 19 -16.70 -0.91 -44.21
C VAL A 19 -15.33 -1.28 -43.65
N GLY A 20 -15.24 -1.32 -42.33
CA GLY A 20 -13.98 -1.63 -41.70
C GLY A 20 -13.73 -3.13 -41.57
N ALA A 21 -12.48 -3.52 -41.83
CA ALA A 21 -11.98 -4.87 -41.68
C ALA A 21 -11.08 -4.76 -40.48
N PHE A 22 -11.52 -5.16 -39.28
CA PHE A 22 -10.70 -5.03 -38.10
C PHE A 22 -10.05 -6.33 -37.70
N ASN A 23 -8.73 -6.32 -37.55
CA ASN A 23 -7.99 -7.52 -37.18
C ASN A 23 -8.25 -7.87 -35.73
N VAL A 24 -8.47 -9.16 -35.45
CA VAL A 24 -8.69 -9.61 -34.08
C VAL A 24 -7.85 -10.85 -33.84
N ASN A 25 -7.44 -11.05 -32.59
CA ASN A 25 -6.60 -12.19 -32.24
C ASN A 25 -7.14 -13.01 -31.06
N ASN A 26 -8.15 -12.49 -30.36
CA ASN A 26 -8.73 -13.24 -29.24
C ASN A 26 -10.17 -12.85 -28.94
N MET A 27 -10.69 -13.31 -27.81
CA MET A 27 -12.07 -13.06 -27.42
C MET A 27 -12.44 -11.59 -27.25
N GLU A 28 -11.71 -10.84 -26.44
CA GLU A 28 -12.12 -9.46 -26.26
C GLU A 28 -12.01 -8.53 -27.48
N PHE A 29 -11.06 -8.78 -28.39
CA PHE A 29 -10.99 -7.91 -29.57
C PHE A 29 -12.20 -8.20 -30.43
N LEU A 30 -12.53 -9.48 -30.54
CA LEU A 30 -13.66 -9.92 -31.32
C LEU A 30 -14.97 -9.38 -30.73
N GLN A 31 -15.07 -9.40 -29.40
CA GLN A 31 -16.27 -8.87 -28.74
C GLN A 31 -16.40 -7.37 -28.98
N ALA A 32 -15.28 -6.66 -28.85
CA ALA A 32 -15.30 -5.20 -29.05
C ALA A 32 -15.74 -4.84 -30.47
N VAL A 33 -15.17 -5.52 -31.46
CA VAL A 33 -15.51 -5.26 -32.86
C VAL A 33 -16.99 -5.50 -33.14
N LEU A 34 -17.49 -6.66 -32.74
CA LEU A 34 -18.90 -6.97 -32.97
C LEU A 34 -19.87 -6.07 -32.20
N GLU A 35 -19.58 -5.74 -30.95
CA GLU A 35 -20.53 -4.88 -30.21
C GLU A 35 -20.54 -3.50 -30.82
N ALA A 36 -19.36 -3.04 -31.26
CA ALA A 36 -19.27 -1.75 -31.89
C ALA A 36 -20.18 -1.77 -33.09
N ALA A 37 -20.06 -2.82 -33.91
CA ALA A 37 -20.89 -2.96 -35.10
C ALA A 37 -22.38 -2.95 -34.77
N GLU A 38 -22.76 -3.67 -33.72
CA GLU A 38 -24.17 -3.73 -33.32
C GLU A 38 -24.64 -2.35 -32.85
N GLU A 39 -23.83 -1.66 -32.05
CA GLU A 39 -24.24 -0.35 -31.56
C GLU A 39 -24.36 0.70 -32.66
N GLN A 40 -23.52 0.56 -33.69
CA GLN A 40 -23.53 1.48 -34.83
C GLN A 40 -24.46 0.94 -35.91
N ARG A 41 -25.06 -0.23 -35.66
CA ARG A 41 -25.94 -0.85 -36.66
C ARG A 41 -25.18 -0.77 -37.99
N SER A 42 -23.95 -1.25 -37.95
CA SER A 42 -23.06 -1.21 -39.11
C SER A 42 -22.43 -2.52 -39.52
N PRO A 43 -22.36 -2.77 -40.84
CA PRO A 43 -21.72 -4.01 -41.33
C PRO A 43 -20.27 -3.93 -40.91
N VAL A 44 -19.60 -5.07 -40.84
CA VAL A 44 -18.21 -5.11 -40.43
C VAL A 44 -17.52 -6.37 -40.93
N ILE A 45 -16.20 -6.32 -40.94
CA ILE A 45 -15.41 -7.47 -41.37
C ILE A 45 -14.43 -7.82 -40.27
N LEU A 46 -14.48 -9.09 -39.85
CA LEU A 46 -13.58 -9.59 -38.81
C LEU A 46 -12.38 -10.13 -39.58
N ALA A 47 -11.23 -9.50 -39.39
CA ALA A 47 -10.03 -9.93 -40.10
C ALA A 47 -9.13 -10.76 -39.22
N LEU A 48 -8.73 -11.91 -39.73
CA LEU A 48 -7.85 -12.79 -39.00
C LEU A 48 -6.66 -13.07 -39.91
N SER A 49 -5.48 -12.63 -39.47
CA SER A 49 -4.25 -12.85 -40.22
C SER A 49 -3.82 -14.29 -39.99
N GLU A 50 -2.76 -14.72 -40.68
CA GLU A 50 -2.27 -16.07 -40.50
C GLU A 50 -1.70 -16.15 -39.09
N GLY A 51 -1.30 -15.00 -38.57
CA GLY A 51 -0.76 -14.94 -37.22
C GLY A 51 -1.88 -15.20 -36.22
N ALA A 52 -3.03 -14.59 -36.45
CA ALA A 52 -4.18 -14.76 -35.58
C ALA A 52 -4.59 -16.22 -35.69
N MET A 53 -4.40 -16.78 -36.89
CA MET A 53 -4.75 -18.16 -37.14
C MET A 53 -3.94 -19.06 -36.22
N LYS A 54 -2.65 -18.80 -36.12
CA LYS A 54 -1.78 -19.60 -35.26
C LYS A 54 -2.01 -19.34 -33.77
N TYR A 55 -2.21 -18.08 -33.42
CA TYR A 55 -2.41 -17.70 -32.04
C TYR A 55 -3.78 -18.10 -31.50
N GLY A 56 -4.83 -17.73 -32.24
CA GLY A 56 -6.19 -18.01 -31.82
C GLY A 56 -6.62 -19.43 -32.09
N GLY A 57 -6.12 -20.00 -33.18
CA GLY A 57 -6.46 -21.35 -33.54
C GLY A 57 -7.96 -21.57 -33.70
N ARG A 58 -8.38 -22.81 -33.43
CA ARG A 58 -9.76 -23.23 -33.54
C ARG A 58 -10.72 -22.38 -32.70
N ALA A 59 -10.29 -21.99 -31.51
CA ALA A 59 -11.13 -21.20 -30.62
C ALA A 59 -11.54 -19.87 -31.25
N LEU A 60 -10.59 -19.17 -31.85
CA LEU A 60 -10.84 -17.88 -32.49
C LEU A 60 -11.77 -18.05 -33.69
N THR A 61 -11.42 -18.97 -34.59
CA THR A 61 -12.20 -19.18 -35.80
C THR A 61 -13.61 -19.66 -35.47
N LEU A 62 -13.74 -20.43 -34.40
CA LEU A 62 -15.05 -20.89 -33.95
C LEU A 62 -15.86 -19.66 -33.56
N MET A 63 -15.24 -18.76 -32.79
CA MET A 63 -15.93 -17.54 -32.37
C MET A 63 -16.32 -16.62 -33.54
N ALA A 64 -15.35 -16.36 -34.40
CA ALA A 64 -15.56 -15.47 -35.54
C ALA A 64 -16.75 -15.89 -36.38
N VAL A 65 -16.77 -17.16 -36.77
CA VAL A 65 -17.83 -17.68 -37.60
C VAL A 65 -19.19 -17.81 -36.93
N GLU A 66 -19.25 -18.49 -35.79
CA GLU A 66 -20.52 -18.69 -35.11
C GLU A 66 -21.13 -17.40 -34.59
N LEU A 67 -20.31 -16.52 -34.02
CA LEU A 67 -20.82 -15.24 -33.51
C LEU A 67 -21.28 -14.36 -34.66
N ALA A 68 -20.65 -14.53 -35.83
CA ALA A 68 -21.06 -13.73 -37.00
C ALA A 68 -22.48 -14.10 -37.40
N LYS A 69 -22.80 -15.38 -37.36
CA LYS A 69 -24.14 -15.84 -37.72
C LYS A 69 -25.22 -15.26 -36.78
N GLU A 70 -24.83 -14.94 -35.55
CA GLU A 70 -25.78 -14.40 -34.59
C GLU A 70 -25.83 -12.88 -34.58
N ALA A 71 -24.89 -12.25 -35.27
CA ALA A 71 -24.87 -10.80 -35.34
C ALA A 71 -26.12 -10.27 -36.03
N ARG A 72 -26.62 -9.14 -35.57
CA ARG A 72 -27.81 -8.57 -36.19
C ARG A 72 -27.43 -7.58 -37.31
N VAL A 73 -26.15 -7.57 -37.67
CA VAL A 73 -25.66 -6.74 -38.77
C VAL A 73 -24.84 -7.65 -39.70
N PRO A 74 -24.68 -7.28 -40.98
CA PRO A 74 -23.89 -8.21 -41.80
C PRO A 74 -22.42 -8.25 -41.38
N VAL A 75 -21.89 -9.47 -41.31
CA VAL A 75 -20.50 -9.67 -40.91
C VAL A 75 -19.84 -10.68 -41.84
N ALA A 76 -18.58 -10.45 -42.17
CA ALA A 76 -17.86 -11.40 -42.99
C ALA A 76 -16.60 -11.73 -42.21
N VAL A 77 -16.15 -12.98 -42.32
CA VAL A 77 -14.93 -13.42 -41.65
C VAL A 77 -13.89 -13.55 -42.75
N HIS A 78 -12.88 -12.70 -42.65
CA HIS A 78 -11.84 -12.55 -43.66
C HIS A 78 -10.44 -13.02 -43.26
N LEU A 79 -9.80 -13.75 -44.17
CA LEU A 79 -8.43 -14.19 -43.94
C LEU A 79 -7.59 -13.03 -44.46
N ASP A 80 -6.85 -12.37 -43.56
N ASP A 80 -6.85 -12.40 -43.55
CA ASP A 80 -6.05 -11.22 -43.95
CA ASP A 80 -5.99 -11.28 -43.87
C ASP A 80 -4.60 -11.60 -44.26
C ASP A 80 -4.61 -11.84 -44.29
N HIS A 81 -4.22 -11.43 -45.52
N HIS A 81 -4.04 -11.25 -45.32
CA HIS A 81 -2.85 -11.71 -45.97
CA HIS A 81 -2.73 -11.64 -45.83
C HIS A 81 -2.50 -13.19 -46.08
C HIS A 81 -2.42 -13.13 -45.94
N GLY A 82 -3.34 -13.96 -46.75
N GLY A 82 -3.27 -13.87 -46.66
CA GLY A 82 -3.04 -15.36 -46.93
CA GLY A 82 -2.98 -15.27 -46.84
C GLY A 82 -1.76 -15.41 -47.75
C GLY A 82 -1.70 -15.30 -47.66
N SER A 83 -0.74 -16.12 -47.26
CA SER A 83 0.53 -16.20 -47.97
C SER A 83 0.68 -17.39 -48.89
N SER A 84 -0.26 -18.34 -48.85
CA SER A 84 -0.16 -19.49 -49.73
C SER A 84 -1.53 -20.06 -50.05
N TYR A 85 -1.53 -21.04 -50.94
CA TYR A 85 -2.75 -21.72 -51.35
C TYR A 85 -3.28 -22.56 -50.20
N GLU A 86 -2.36 -23.19 -49.47
CA GLU A 86 -2.73 -24.04 -48.36
C GLU A 86 -3.27 -23.24 -47.19
N SER A 87 -2.71 -22.06 -46.96
CA SER A 87 -3.19 -21.20 -45.88
C SER A 87 -4.64 -20.89 -46.19
N VAL A 88 -4.91 -20.58 -47.45
CA VAL A 88 -6.26 -20.27 -47.89
C VAL A 88 -7.20 -21.47 -47.70
N LEU A 89 -6.71 -22.68 -47.99
CA LEU A 89 -7.53 -23.88 -47.81
C LEU A 89 -7.97 -24.05 -46.36
N ARG A 90 -7.08 -23.74 -45.43
CA ARG A 90 -7.41 -23.85 -44.00
C ARG A 90 -8.43 -22.80 -43.60
N ALA A 91 -8.46 -21.67 -44.30
CA ALA A 91 -9.44 -20.63 -43.97
C ALA A 91 -10.79 -21.10 -44.51
N LEU A 92 -10.77 -21.70 -45.70
CA LEU A 92 -11.98 -22.20 -46.30
C LEU A 92 -12.54 -23.28 -45.38
N ARG A 93 -11.62 -24.08 -44.84
CA ARG A 93 -11.93 -25.17 -43.94
C ARG A 93 -12.52 -24.67 -42.62
N ALA A 94 -12.06 -23.50 -42.18
CA ALA A 94 -12.53 -22.93 -40.92
C ALA A 94 -13.83 -22.12 -41.07
N GLY A 95 -14.43 -22.18 -42.25
CA GLY A 95 -15.67 -21.46 -42.47
C GLY A 95 -15.60 -19.97 -42.79
N PHE A 96 -14.43 -19.46 -43.17
CA PHE A 96 -14.32 -18.04 -43.51
C PHE A 96 -15.22 -17.78 -44.72
N THR A 97 -15.59 -16.52 -44.95
CA THR A 97 -16.44 -16.18 -46.07
C THR A 97 -15.75 -15.19 -47.00
N SER A 98 -14.52 -14.88 -46.65
CA SER A 98 -13.70 -13.97 -47.44
C SER A 98 -12.24 -14.32 -47.18
N VAL A 99 -11.44 -14.30 -48.23
CA VAL A 99 -10.02 -14.61 -48.09
C VAL A 99 -9.16 -13.76 -49.00
N MET A 100 -8.02 -13.34 -48.48
CA MET A 100 -7.09 -12.57 -49.29
C MET A 100 -5.84 -13.41 -49.54
N ILE A 101 -5.39 -13.42 -50.79
CA ILE A 101 -4.18 -14.11 -51.17
C ILE A 101 -3.25 -12.96 -51.55
N ASP A 102 -2.19 -12.75 -50.77
CA ASP A 102 -1.25 -11.67 -51.03
C ASP A 102 0.01 -12.14 -51.74
N LYS A 103 0.14 -11.80 -53.03
CA LYS A 103 1.30 -12.18 -53.81
C LYS A 103 1.81 -10.95 -54.58
N SER A 104 1.53 -9.78 -54.00
CA SER A 104 1.92 -8.51 -54.60
C SER A 104 3.44 -8.34 -54.68
N HIS A 105 4.19 -9.15 -53.94
CA HIS A 105 5.64 -9.07 -53.95
C HIS A 105 6.21 -10.03 -55.01
N GLU A 106 5.31 -10.60 -55.78
CA GLU A 106 5.66 -11.53 -56.85
C GLU A 106 5.46 -10.80 -58.18
N ASP A 107 5.96 -11.35 -59.28
CA ASP A 107 5.77 -10.67 -60.56
C ASP A 107 4.32 -10.85 -61.04
N PHE A 108 3.92 -10.07 -62.04
CA PHE A 108 2.55 -10.12 -62.55
C PHE A 108 1.97 -11.48 -62.86
N GLU A 109 2.67 -12.26 -63.67
CA GLU A 109 2.18 -13.58 -64.04
C GLU A 109 2.05 -14.52 -62.86
N THR A 110 2.99 -14.45 -61.94
CA THR A 110 2.96 -15.30 -60.76
C THR A 110 1.82 -14.86 -59.86
N ASN A 111 1.68 -13.56 -59.69
CA ASN A 111 0.61 -13.01 -58.88
C ASN A 111 -0.72 -13.45 -59.48
N VAL A 112 -0.81 -13.36 -60.81
CA VAL A 112 -2.04 -13.75 -61.50
C VAL A 112 -2.33 -15.22 -61.31
N ARG A 113 -1.35 -16.06 -61.61
CA ARG A 113 -1.53 -17.50 -61.48
C ARG A 113 -1.89 -17.93 -60.06
N GLU A 114 -1.17 -17.42 -59.06
CA GLU A 114 -1.42 -17.78 -57.67
C GLU A 114 -2.81 -17.32 -57.21
N THR A 115 -3.16 -16.08 -57.54
CA THR A 115 -4.46 -15.53 -57.17
C THR A 115 -5.59 -16.26 -57.88
N ARG A 116 -5.40 -16.58 -59.16
CA ARG A 116 -6.44 -17.27 -59.92
C ARG A 116 -6.72 -18.65 -59.33
N ARG A 117 -5.68 -19.32 -58.88
CA ARG A 117 -5.81 -20.64 -58.29
C ARG A 117 -6.67 -20.53 -57.02
N VAL A 118 -6.41 -19.51 -56.21
CA VAL A 118 -7.17 -19.28 -54.99
C VAL A 118 -8.64 -18.98 -55.33
N VAL A 119 -8.85 -18.10 -56.30
CA VAL A 119 -10.20 -17.74 -56.72
C VAL A 119 -11.05 -18.95 -57.05
N GLU A 120 -10.49 -19.89 -57.81
CA GLU A 120 -11.21 -21.12 -58.20
C GLU A 120 -11.61 -21.99 -57.02
N ALA A 121 -10.70 -22.17 -56.06
CA ALA A 121 -10.99 -22.98 -54.89
C ALA A 121 -12.08 -22.30 -54.07
N ALA A 122 -11.87 -21.01 -53.78
CA ALA A 122 -12.79 -20.22 -52.98
C ALA A 122 -14.17 -20.13 -53.61
N HIS A 123 -14.22 -19.77 -54.89
CA HIS A 123 -15.49 -19.65 -55.59
C HIS A 123 -16.22 -21.00 -55.64
N ALA A 124 -15.46 -22.09 -55.61
CA ALA A 124 -16.08 -23.41 -55.63
C ALA A 124 -16.85 -23.65 -54.32
N VAL A 125 -16.47 -22.93 -53.26
CA VAL A 125 -17.15 -23.10 -51.96
C VAL A 125 -17.89 -21.83 -51.53
N GLY A 126 -18.17 -20.96 -52.49
CA GLY A 126 -18.91 -19.74 -52.20
C GLY A 126 -18.22 -18.66 -51.39
N VAL A 127 -16.89 -18.67 -51.38
CA VAL A 127 -16.14 -17.67 -50.64
C VAL A 127 -15.61 -16.66 -51.66
N THR A 128 -15.58 -15.38 -51.28
CA THR A 128 -15.09 -14.37 -52.21
C THR A 128 -13.67 -14.03 -51.83
N VAL A 129 -12.91 -13.51 -52.79
CA VAL A 129 -11.51 -13.24 -52.52
C VAL A 129 -10.97 -11.85 -52.82
N GLU A 130 -9.96 -11.48 -52.05
CA GLU A 130 -9.27 -10.22 -52.19
C GLU A 130 -7.85 -10.52 -52.66
N ALA A 131 -7.36 -9.72 -53.58
CA ALA A 131 -6.00 -9.90 -54.08
C ALA A 131 -5.37 -8.52 -54.07
N GLU A 132 -4.05 -8.45 -54.16
N GLU A 132 -4.05 -8.47 -54.15
CA GLU A 132 -3.36 -7.17 -54.13
CA GLU A 132 -3.34 -7.19 -54.14
C GLU A 132 -2.39 -7.00 -55.30
C GLU A 132 -2.42 -7.01 -55.34
N LEU A 133 -2.45 -5.82 -55.92
CA LEU A 133 -1.59 -5.50 -57.06
C LEU A 133 -0.84 -4.22 -56.68
N GLY A 134 0.48 -4.34 -56.56
CA GLY A 134 1.30 -3.20 -56.17
C GLY A 134 1.85 -3.44 -54.78
N ARG A 135 2.95 -2.78 -54.44
CA ARG A 135 3.55 -2.96 -53.11
C ARG A 135 3.32 -1.78 -52.20
N LEU A 136 2.63 -2.04 -51.08
CA LEU A 136 2.33 -1.00 -50.10
C LEU A 136 3.63 -0.38 -49.64
N ALA A 137 3.90 0.84 -50.08
CA ALA A 137 5.12 1.54 -49.70
C ALA A 137 4.82 3.01 -49.41
N GLY A 138 5.79 3.70 -48.83
CA GLY A 138 5.62 5.11 -48.51
C GLY A 138 5.56 6.02 -49.73
N ILE A 139 4.83 7.12 -49.59
CA ILE A 139 4.65 8.11 -50.64
C ILE A 139 4.31 7.50 -52.00
N LYS A 148 2.13 6.69 -64.65
CA LYS A 148 2.37 5.93 -63.43
C LYS A 148 3.78 6.07 -62.95
N ASP A 149 4.01 5.61 -61.72
CA ASP A 149 5.34 5.65 -61.14
C ASP A 149 5.50 4.77 -59.86
N ALA A 150 6.76 4.42 -59.57
CA ALA A 150 7.14 3.61 -58.44
C ALA A 150 6.38 2.30 -58.45
N LEU A 151 6.31 1.63 -57.31
CA LEU A 151 5.50 0.42 -57.39
C LEU A 151 4.25 0.56 -56.59
N LEU A 152 3.50 1.51 -57.16
CA LEU A 152 2.18 1.89 -56.82
C LEU A 152 1.35 1.23 -57.92
N THR A 153 0.11 0.92 -57.59
CA THR A 153 -0.77 0.25 -58.52
C THR A 153 -1.01 0.99 -59.84
N ASN A 154 -0.84 0.27 -60.94
CA ASN A 154 -1.06 0.83 -62.27
C ASN A 154 -2.51 0.57 -62.65
N PRO A 155 -3.23 1.63 -63.05
CA PRO A 155 -4.64 1.50 -63.43
C PRO A 155 -4.96 0.43 -64.47
N GLU A 156 -4.32 0.51 -65.64
CA GLU A 156 -4.58 -0.47 -66.69
C GLU A 156 -4.22 -1.90 -66.27
N GLU A 157 -3.15 -2.05 -65.51
CA GLU A 157 -2.76 -3.37 -65.04
C GLU A 157 -3.76 -3.90 -64.02
N ALA A 158 -4.39 -2.99 -63.27
CA ALA A 158 -5.38 -3.41 -62.28
C ALA A 158 -6.56 -4.05 -63.00
N ARG A 159 -7.00 -3.41 -64.09
CA ARG A 159 -8.12 -3.92 -64.85
C ARG A 159 -7.77 -5.33 -65.34
N ILE A 160 -6.63 -5.44 -66.00
CA ILE A 160 -6.12 -6.70 -66.52
C ILE A 160 -6.06 -7.77 -65.44
N PHE A 161 -5.39 -7.45 -64.33
CA PHE A 161 -5.25 -8.36 -63.22
C PHE A 161 -6.59 -8.91 -62.74
N MET A 162 -7.56 -8.02 -62.55
CA MET A 162 -8.87 -8.43 -62.08
C MET A 162 -9.64 -9.28 -63.07
N GLU A 163 -9.52 -8.96 -64.36
CA GLU A 163 -10.21 -9.73 -65.38
C GLU A 163 -9.62 -11.14 -65.49
N ARG A 164 -8.30 -11.23 -65.43
CA ARG A 164 -7.61 -12.51 -65.54
C ARG A 164 -7.74 -13.43 -64.30
N THR A 165 -7.78 -12.83 -63.11
CA THR A 165 -7.90 -13.61 -61.88
C THR A 165 -9.33 -13.92 -61.48
N GLY A 166 -10.23 -12.97 -61.71
CA GLY A 166 -11.61 -13.16 -61.32
C GLY A 166 -11.79 -12.82 -59.85
N ALA A 167 -10.79 -12.15 -59.26
CA ALA A 167 -10.84 -11.75 -57.86
C ALA A 167 -12.07 -10.87 -57.62
N ASP A 168 -12.55 -10.80 -56.39
CA ASP A 168 -13.74 -10.02 -56.12
C ASP A 168 -13.53 -8.57 -55.68
N TYR A 169 -12.43 -8.28 -55.02
CA TYR A 169 -12.10 -6.92 -54.59
C TYR A 169 -10.59 -6.81 -54.64
N LEU A 170 -10.08 -5.60 -54.89
CA LEU A 170 -8.66 -5.41 -55.03
C LEU A 170 -7.99 -4.46 -54.06
N ALA A 171 -6.89 -4.92 -53.47
CA ALA A 171 -6.12 -4.12 -52.55
C ALA A 171 -5.19 -3.29 -53.45
N VAL A 172 -5.18 -1.98 -53.24
CA VAL A 172 -4.36 -1.11 -54.06
C VAL A 172 -3.28 -0.37 -53.28
N ALA A 173 -2.16 -0.12 -53.95
CA ALA A 173 -1.02 0.58 -53.37
C ALA A 173 -1.08 2.03 -53.84
N ILE A 174 -1.56 2.91 -52.98
CA ILE A 174 -1.67 4.31 -53.32
C ILE A 174 -1.01 5.21 -52.28
N GLY A 175 -0.06 4.67 -51.54
CA GLY A 175 0.63 5.46 -50.53
C GLY A 175 0.65 4.94 -49.10
N THR A 176 -0.22 3.99 -48.79
CA THR A 176 -0.27 3.47 -47.42
C THR A 176 0.73 2.34 -47.17
N SER A 177 0.82 1.93 -45.91
N SER A 177 0.81 1.91 -45.92
CA SER A 177 1.73 0.86 -45.50
CA SER A 177 1.69 0.83 -45.49
C SER A 177 1.31 0.40 -44.10
C SER A 177 1.33 0.46 -44.05
N HIS A 178 1.94 -0.67 -43.61
N HIS A 178 1.73 -0.73 -43.62
CA HIS A 178 1.64 -1.21 -42.30
CA HIS A 178 1.45 -1.18 -42.26
C HIS A 178 2.54 -0.66 -41.20
C HIS A 178 2.40 -0.55 -41.24
N GLY A 179 2.06 -0.68 -39.97
N GLY A 179 2.06 -0.70 -39.96
CA GLY A 179 2.85 -0.19 -38.85
CA GLY A 179 2.88 -0.15 -38.89
C GLY A 179 2.31 1.09 -38.25
C GLY A 179 2.35 1.14 -38.31
N ALA A 180 3.04 1.63 -37.29
CA ALA A 180 2.65 2.85 -36.61
C ALA A 180 3.40 4.02 -37.24
N TYR A 181 4.44 3.72 -37.99
CA TYR A 181 5.26 4.72 -38.65
C TYR A 181 4.94 4.85 -40.15
N LYS A 182 3.70 5.20 -40.48
CA LYS A 182 3.35 5.36 -41.90
C LYS A 182 4.29 6.31 -42.59
N GLY A 183 4.37 7.55 -42.09
CA GLY A 183 5.24 8.52 -42.71
C GLY A 183 5.61 9.65 -41.76
N LYS A 184 6.63 10.42 -42.14
CA LYS A 184 7.05 11.53 -41.31
C LYS A 184 6.00 12.61 -41.58
N GLY A 185 5.10 12.82 -40.63
CA GLY A 185 4.05 13.79 -40.82
C GLY A 185 2.95 13.13 -41.63
N ARG A 186 2.05 13.94 -42.18
CA ARG A 186 0.94 13.41 -42.97
C ARG A 186 1.38 12.69 -44.25
N PRO A 187 1.23 11.35 -44.30
CA PRO A 187 1.61 10.57 -45.48
C PRO A 187 0.75 10.90 -46.70
N PHE A 188 1.38 11.02 -47.86
CA PHE A 188 0.69 11.37 -49.10
C PHE A 188 -0.06 10.21 -49.74
N ILE A 189 -1.31 10.46 -50.09
CA ILE A 189 -2.16 9.46 -50.72
C ILE A 189 -2.48 9.90 -52.15
N ASP A 190 -2.05 9.09 -53.12
CA ASP A 190 -2.26 9.37 -54.53
C ASP A 190 -3.74 9.25 -54.92
N HIS A 191 -4.56 10.21 -54.50
CA HIS A 191 -5.98 10.20 -54.83
C HIS A 191 -6.27 10.25 -56.33
N ALA A 192 -5.36 10.83 -57.10
CA ALA A 192 -5.54 10.93 -58.55
C ALA A 192 -5.43 9.52 -59.14
N ARG A 193 -4.47 8.75 -58.65
CA ARG A 193 -4.25 7.38 -59.10
C ARG A 193 -5.45 6.51 -58.70
N LEU A 194 -5.95 6.72 -57.49
CA LEU A 194 -7.09 5.97 -56.96
C LEU A 194 -8.25 6.08 -57.93
N GLU A 195 -8.55 7.31 -58.34
CA GLU A 195 -9.66 7.57 -59.26
C GLU A 195 -9.48 6.89 -60.61
N ARG A 196 -8.27 6.90 -61.13
CA ARG A 196 -7.99 6.27 -62.42
C ARG A 196 -8.26 4.77 -62.28
N ILE A 197 -7.75 4.17 -61.20
CA ILE A 197 -7.96 2.74 -60.95
C ILE A 197 -9.45 2.46 -60.87
N ALA A 198 -10.16 3.26 -60.07
CA ALA A 198 -11.59 3.11 -59.90
C ALA A 198 -12.37 3.21 -61.20
N ARG A 199 -11.87 4.05 -62.11
CA ARG A 199 -12.54 4.23 -63.39
C ARG A 199 -12.49 2.98 -64.25
N LEU A 200 -11.42 2.20 -64.10
CA LEU A 200 -11.24 0.98 -64.88
C LEU A 200 -11.58 -0.32 -64.14
N VAL A 201 -11.55 -0.27 -62.81
CA VAL A 201 -11.83 -1.44 -61.98
C VAL A 201 -13.10 -1.23 -61.15
N PRO A 202 -14.22 -1.78 -61.63
CA PRO A 202 -15.51 -1.63 -60.93
C PRO A 202 -15.63 -2.44 -59.64
N ALA A 203 -14.71 -3.37 -59.43
CA ALA A 203 -14.76 -4.18 -58.20
C ALA A 203 -14.49 -3.25 -57.01
N PRO A 204 -15.08 -3.54 -55.85
CA PRO A 204 -14.80 -2.65 -54.73
C PRO A 204 -13.31 -2.69 -54.43
N LEU A 205 -12.75 -1.55 -54.01
CA LEU A 205 -11.32 -1.46 -53.72
C LEU A 205 -10.97 -1.56 -52.24
N VAL A 206 -9.75 -2.03 -51.97
CA VAL A 206 -9.26 -2.24 -50.62
C VAL A 206 -8.02 -1.41 -50.23
N LEU A 207 -8.06 -0.86 -49.02
N LEU A 207 -8.08 -0.84 -49.03
CA LEU A 207 -6.95 -0.06 -48.51
CA LEU A 207 -6.99 0.00 -48.52
C LEU A 207 -6.29 -0.72 -47.30
C LEU A 207 -6.33 -0.64 -47.30
N HIS A 208 -5.06 -1.20 -47.47
N HIS A 208 -5.08 -1.07 -47.46
CA HIS A 208 -4.34 -1.81 -46.37
CA HIS A 208 -4.34 -1.68 -46.36
C HIS A 208 -3.54 -0.74 -45.63
C HIS A 208 -3.56 -0.63 -45.60
N GLY A 209 -3.17 -1.03 -44.39
N GLY A 209 -3.14 -0.98 -44.38
CA GLY A 209 -2.40 -0.09 -43.59
CA GLY A 209 -2.39 -0.06 -43.55
C GLY A 209 -3.05 1.29 -43.48
C GLY A 209 -3.04 1.30 -43.44
N ALA A 210 -4.33 1.30 -43.12
CA ALA A 210 -5.08 2.55 -43.01
C ALA A 210 -5.36 3.05 -41.59
N SER A 211 -4.62 2.55 -40.61
CA SER A 211 -4.83 3.00 -39.24
C SER A 211 -4.57 4.50 -39.14
N ALA A 212 -5.28 5.16 -38.24
CA ALA A 212 -5.14 6.59 -38.05
C ALA A 212 -3.95 6.92 -37.14
N VAL A 213 -3.72 6.08 -36.13
CA VAL A 213 -2.63 6.31 -35.19
C VAL A 213 -2.73 7.76 -34.69
N PRO A 214 -3.92 8.17 -34.21
CA PRO A 214 -4.08 9.55 -33.72
C PRO A 214 -3.04 9.91 -32.67
N PRO A 215 -2.52 11.15 -32.73
CA PRO A 215 -1.51 11.65 -31.79
C PRO A 215 -1.87 11.49 -30.31
N GLU A 216 -3.14 11.65 -29.97
CA GLU A 216 -3.53 11.50 -28.58
C GLU A 216 -3.41 10.04 -28.10
N LEU A 217 -3.61 9.09 -29.00
CA LEU A 217 -3.47 7.68 -28.64
C LEU A 217 -1.99 7.37 -28.39
N VAL A 218 -1.13 7.87 -29.28
CA VAL A 218 0.31 7.66 -29.13
C VAL A 218 0.71 8.29 -27.79
N GLU A 219 0.09 9.43 -27.49
CA GLU A 219 0.33 10.17 -26.25
C GLU A 219 -0.14 9.37 -25.04
N ARG A 220 -1.33 8.80 -25.14
CA ARG A 220 -1.87 8.02 -24.04
C ARG A 220 -1.04 6.77 -23.83
N PHE A 221 -0.42 6.28 -24.90
CA PHE A 221 0.42 5.09 -24.85
C PHE A 221 1.72 5.38 -24.11
N ARG A 222 2.36 6.50 -24.48
CA ARG A 222 3.62 6.89 -23.85
C ARG A 222 3.44 7.20 -22.37
N ALA A 223 2.33 7.83 -22.03
CA ALA A 223 2.05 8.19 -20.65
C ALA A 223 1.92 6.96 -19.76
N SER A 224 1.45 5.85 -20.33
CA SER A 224 1.29 4.63 -19.57
C SER A 224 2.62 3.90 -19.45
N GLY A 225 3.63 4.43 -20.12
CA GLY A 225 4.95 3.82 -20.08
C GLY A 225 5.41 3.30 -21.43
N GLY A 226 4.49 3.26 -22.39
CA GLY A 226 4.85 2.76 -23.70
C GLY A 226 5.91 3.62 -24.36
N GLU A 227 6.70 3.01 -25.24
CA GLU A 227 7.72 3.74 -25.95
C GLU A 227 7.54 3.52 -27.44
N ILE A 228 7.41 4.62 -28.16
CA ILE A 228 7.21 4.57 -29.60
C ILE A 228 7.82 5.82 -30.24
N GLY A 229 8.29 5.67 -31.48
CA GLY A 229 8.90 6.78 -32.20
C GLY A 229 7.88 7.77 -32.72
N GLU A 230 8.27 8.54 -33.74
CA GLU A 230 7.37 9.53 -34.30
C GLU A 230 6.37 8.88 -35.24
N ALA A 231 5.51 8.06 -34.65
CA ALA A 231 4.48 7.35 -35.39
C ALA A 231 3.57 8.33 -36.09
N ALA A 232 2.82 7.83 -37.06
CA ALA A 232 1.89 8.64 -37.82
C ALA A 232 1.07 7.72 -38.73
N GLY A 233 -0.21 8.02 -38.89
CA GLY A 233 -1.08 7.21 -39.73
C GLY A 233 -1.75 8.02 -40.82
N ILE A 234 -2.64 7.39 -41.57
CA ILE A 234 -3.35 8.06 -42.65
C ILE A 234 -4.31 9.09 -42.06
N HIS A 235 -4.34 10.28 -42.66
CA HIS A 235 -5.22 11.34 -42.20
C HIS A 235 -6.68 11.02 -42.48
N PRO A 236 -7.56 11.34 -41.53
CA PRO A 236 -9.00 11.10 -41.65
C PRO A 236 -9.59 11.61 -42.96
N GLU A 237 -9.17 12.80 -43.39
CA GLU A 237 -9.68 13.38 -44.64
C GLU A 237 -9.25 12.57 -45.85
N ASP A 238 -8.02 12.03 -45.83
CA ASP A 238 -7.55 11.22 -46.93
C ASP A 238 -8.43 9.99 -47.04
N ILE A 239 -8.74 9.40 -45.89
CA ILE A 239 -9.58 8.21 -45.86
C ILE A 239 -11.00 8.52 -46.34
N LYS A 240 -11.53 9.67 -45.95
CA LYS A 240 -12.89 10.03 -46.37
C LYS A 240 -12.97 10.17 -47.89
N LYS A 241 -11.97 10.82 -48.47
CA LYS A 241 -11.93 11.02 -49.92
C LYS A 241 -11.63 9.71 -50.64
N ALA A 242 -10.75 8.89 -50.07
CA ALA A 242 -10.42 7.61 -50.69
C ALA A 242 -11.73 6.82 -50.83
N ILE A 243 -12.53 6.80 -49.77
CA ILE A 243 -13.80 6.10 -49.79
C ILE A 243 -14.70 6.63 -50.91
N SER A 244 -14.85 7.95 -51.00
CA SER A 244 -15.68 8.56 -52.03
C SER A 244 -15.20 8.17 -53.42
N LEU A 245 -13.93 7.81 -53.54
CA LEU A 245 -13.37 7.42 -54.83
C LEU A 245 -13.45 5.93 -55.15
N GLY A 246 -13.90 5.12 -54.20
CA GLY A 246 -14.02 3.70 -54.47
C GLY A 246 -13.59 2.74 -53.37
N ILE A 247 -12.82 3.22 -52.40
CA ILE A 247 -12.38 2.36 -51.32
C ILE A 247 -13.60 1.91 -50.52
N ALA A 248 -13.82 0.60 -50.45
CA ALA A 248 -14.94 0.03 -49.73
C ALA A 248 -14.51 -0.76 -48.48
N LYS A 249 -13.25 -1.19 -48.45
CA LYS A 249 -12.73 -1.96 -47.34
C LYS A 249 -11.49 -1.29 -46.77
N ILE A 250 -11.57 -0.86 -45.52
CA ILE A 250 -10.46 -0.20 -44.84
C ILE A 250 -9.96 -1.11 -43.71
N ASN A 251 -8.68 -1.45 -43.75
CA ASN A 251 -8.09 -2.32 -42.74
C ASN A 251 -7.57 -1.53 -41.56
N THR A 252 -7.86 -2.01 -40.36
CA THR A 252 -7.41 -1.37 -39.12
C THR A 252 -6.92 -2.43 -38.14
N ASP A 253 -5.70 -2.27 -37.65
CA ASP A 253 -5.11 -3.22 -36.71
C ASP A 253 -4.32 -2.47 -35.64
N THR A 254 -3.27 -1.79 -36.08
CA THR A 254 -2.40 -1.02 -35.19
C THR A 254 -3.18 -0.19 -34.18
N ASP A 255 -4.14 0.59 -34.65
CA ASP A 255 -4.93 1.40 -33.74
C ASP A 255 -5.52 0.59 -32.59
N LEU A 256 -6.11 -0.57 -32.89
CA LEU A 256 -6.71 -1.40 -31.85
C LEU A 256 -5.66 -1.90 -30.85
N ARG A 257 -4.51 -2.33 -31.37
CA ARG A 257 -3.44 -2.81 -30.52
C ARG A 257 -2.95 -1.73 -29.54
N LEU A 258 -2.74 -0.52 -30.03
CA LEU A 258 -2.26 0.57 -29.16
C LEU A 258 -3.26 0.84 -28.03
N ALA A 259 -4.52 1.04 -28.39
CA ALA A 259 -5.55 1.32 -27.40
C ALA A 259 -5.58 0.22 -26.33
N PHE A 260 -5.55 -1.03 -26.77
CA PHE A 260 -5.59 -2.18 -25.88
C PHE A 260 -4.41 -2.23 -24.91
N THR A 261 -3.20 -2.12 -25.44
CA THR A 261 -2.00 -2.18 -24.63
C THR A 261 -1.97 -1.00 -23.65
N ALA A 262 -2.39 0.16 -24.12
CA ALA A 262 -2.40 1.37 -23.29
C ALA A 262 -3.21 1.16 -22.03
N LEU A 263 -4.49 0.80 -22.21
CA LEU A 263 -5.39 0.57 -21.10
C LEU A 263 -4.88 -0.50 -20.14
N ILE A 264 -4.27 -1.55 -20.68
CA ILE A 264 -3.74 -2.59 -19.80
C ILE A 264 -2.64 -2.00 -18.94
N ARG A 265 -1.76 -1.21 -19.56
CA ARG A 265 -0.66 -0.57 -18.85
C ARG A 265 -1.12 0.36 -17.73
N GLU A 266 -2.11 1.20 -18.01
CA GLU A 266 -2.61 2.12 -17.00
C GLU A 266 -3.17 1.35 -15.81
N ALA A 267 -3.93 0.30 -16.10
CA ALA A 267 -4.54 -0.53 -15.05
C ALA A 267 -3.52 -1.17 -14.11
N LEU A 268 -2.45 -1.71 -14.68
CA LEU A 268 -1.42 -2.36 -13.88
C LEU A 268 -0.51 -1.36 -13.15
N ASN A 269 -0.32 -0.18 -13.74
CA ASN A 269 0.48 0.86 -13.10
C ASN A 269 -0.24 1.33 -11.84
N LYS A 270 -1.51 1.64 -12.00
CA LYS A 270 -2.36 2.13 -10.93
C LYS A 270 -2.77 1.10 -9.85
N ASN A 271 -2.99 -0.15 -10.21
CA ASN A 271 -3.42 -1.12 -9.21
C ASN A 271 -2.44 -2.31 -9.06
N PRO A 272 -1.46 -2.20 -8.14
CA PRO A 272 -0.50 -3.35 -7.93
C PRO A 272 -1.13 -4.67 -7.67
N LYS A 273 -1.99 -4.53 -6.71
CA LYS A 273 -2.73 -5.60 -6.12
C LYS A 273 -3.74 -6.23 -7.02
N GLU A 274 -3.97 -5.75 -8.23
CA GLU A 274 -4.99 -6.36 -9.10
C GLU A 274 -4.44 -7.53 -9.92
N PHE A 275 -5.01 -8.74 -9.74
CA PHE A 275 -4.56 -9.86 -10.54
C PHE A 275 -5.75 -10.58 -11.16
N ASP A 276 -6.94 -9.95 -11.12
CA ASP A 276 -8.15 -10.49 -11.76
C ASP A 276 -8.03 -9.93 -13.17
N PRO A 277 -7.70 -10.76 -14.16
CA PRO A 277 -7.55 -10.30 -15.54
C PRO A 277 -8.71 -9.51 -16.15
N ARG A 278 -9.92 -9.75 -15.67
CA ARG A 278 -11.07 -9.01 -16.20
C ARG A 278 -10.98 -7.53 -15.86
N LYS A 279 -10.33 -7.23 -14.74
CA LYS A 279 -10.18 -5.85 -14.29
C LYS A 279 -9.28 -4.98 -15.15
N TYR A 280 -8.31 -5.57 -15.84
CA TYR A 280 -7.48 -4.76 -16.70
C TYR A 280 -7.74 -5.04 -18.18
N LEU A 281 -8.23 -6.24 -18.48
CA LEU A 281 -8.55 -6.62 -19.84
C LEU A 281 -9.90 -6.01 -20.25
N GLY A 282 -10.79 -5.86 -19.28
CA GLY A 282 -12.10 -5.31 -19.52
C GLY A 282 -12.07 -3.88 -20.06
N PRO A 283 -11.40 -2.95 -19.37
CA PRO A 283 -11.33 -1.57 -19.85
C PRO A 283 -10.55 -1.44 -21.15
N ALA A 284 -9.62 -2.37 -21.37
CA ALA A 284 -8.81 -2.37 -22.59
C ALA A 284 -9.67 -2.80 -23.76
N ARG A 285 -10.60 -3.69 -23.47
CA ARG A 285 -11.52 -4.20 -24.47
C ARG A 285 -12.48 -3.06 -24.83
N GLU A 286 -12.95 -2.35 -23.81
CA GLU A 286 -13.86 -1.22 -24.02
C GLU A 286 -13.25 -0.17 -24.92
N ALA A 287 -11.98 0.15 -24.68
CA ALA A 287 -11.27 1.15 -25.46
C ALA A 287 -11.17 0.72 -26.94
N VAL A 288 -10.93 -0.56 -27.18
CA VAL A 288 -10.83 -1.07 -28.53
C VAL A 288 -12.17 -0.83 -29.20
N LYS A 289 -13.23 -1.14 -28.46
CA LYS A 289 -14.59 -0.96 -28.95
C LYS A 289 -14.85 0.48 -29.34
N GLU A 290 -14.46 1.43 -28.49
CA GLU A 290 -14.68 2.84 -28.80
C GLU A 290 -13.96 3.26 -30.07
N VAL A 291 -12.75 2.74 -30.28
CA VAL A 291 -11.99 3.06 -31.48
C VAL A 291 -12.70 2.53 -32.71
N VAL A 292 -13.15 1.28 -32.63
CA VAL A 292 -13.87 0.67 -33.75
C VAL A 292 -15.09 1.51 -34.11
N LYS A 293 -15.82 1.97 -33.09
CA LYS A 293 -17.00 2.80 -33.30
C LYS A 293 -16.64 4.12 -33.99
N SER A 294 -15.54 4.75 -33.59
CA SER A 294 -15.10 6.00 -34.22
C SER A 294 -14.83 5.73 -35.69
N ARG A 295 -14.04 4.70 -35.95
CA ARG A 295 -13.67 4.33 -37.32
C ARG A 295 -14.89 4.12 -38.20
N MET A 296 -15.93 3.52 -37.64
CA MET A 296 -17.15 3.29 -38.42
C MET A 296 -17.79 4.63 -38.73
N GLU A 297 -17.75 5.53 -37.76
CA GLU A 297 -18.32 6.87 -37.92
C GLU A 297 -17.58 7.53 -39.09
N LEU A 298 -16.27 7.40 -39.09
CA LEU A 298 -15.44 7.95 -40.15
C LEU A 298 -15.75 7.33 -41.51
N PHE A 299 -15.77 6.00 -41.56
CA PHE A 299 -16.03 5.27 -42.81
C PHE A 299 -17.42 5.52 -43.36
N GLY A 300 -18.30 6.08 -42.54
CA GLY A 300 -19.67 6.34 -42.97
C GLY A 300 -20.57 5.13 -42.99
N SER A 301 -20.24 4.09 -42.20
CA SER A 301 -21.06 2.88 -42.18
C SER A 301 -22.12 2.82 -41.07
N VAL A 302 -22.23 3.89 -40.28
CA VAL A 302 -23.23 3.91 -39.21
C VAL A 302 -24.64 3.85 -39.80
N GLY A 303 -25.49 3.02 -39.21
CA GLY A 303 -26.87 2.89 -39.68
C GLY A 303 -27.00 2.26 -41.05
N ARG A 304 -25.91 1.65 -41.51
CA ARG A 304 -25.87 1.01 -42.81
C ARG A 304 -26.35 -0.43 -42.83
N ALA A 305 -26.39 -1.06 -41.65
CA ALA A 305 -26.81 -2.46 -41.53
C ALA A 305 -28.02 -2.80 -42.36
N MET B 1 -14.10 -35.49 -24.93
CA MET B 1 -15.44 -35.01 -25.38
C MET B 1 -16.25 -34.45 -24.22
N LEU B 2 -17.42 -33.91 -24.53
CA LEU B 2 -18.27 -33.29 -23.53
C LEU B 2 -19.15 -34.28 -22.76
N VAL B 3 -18.99 -34.29 -21.44
CA VAL B 3 -19.75 -35.18 -20.56
C VAL B 3 -20.22 -34.46 -19.30
N THR B 4 -21.10 -35.08 -18.53
CA THR B 4 -21.60 -34.45 -17.30
C THR B 4 -20.53 -34.44 -16.23
N GLY B 5 -20.72 -33.58 -15.24
CA GLY B 5 -19.76 -33.51 -14.15
C GLY B 5 -19.74 -34.81 -13.36
N LEU B 6 -20.90 -35.41 -13.17
CA LEU B 6 -20.99 -36.66 -12.40
C LEU B 6 -20.22 -37.81 -13.04
N GLU B 7 -20.30 -37.94 -14.36
CA GLU B 7 -19.60 -39.02 -15.03
C GLU B 7 -18.12 -38.95 -14.71
N ILE B 8 -17.60 -37.72 -14.66
CA ILE B 8 -16.20 -37.49 -14.38
C ILE B 8 -15.85 -37.61 -12.91
N LEU B 9 -16.64 -36.98 -12.04
CA LEU B 9 -16.39 -37.01 -10.61
C LEU B 9 -16.65 -38.36 -9.97
N LYS B 10 -17.56 -39.15 -10.53
CA LYS B 10 -17.87 -40.46 -9.99
C LYS B 10 -16.67 -41.38 -10.24
N LYS B 11 -16.17 -41.35 -11.47
CA LYS B 11 -15.04 -42.18 -11.85
C LYS B 11 -13.83 -41.79 -11.00
N ALA B 12 -13.66 -40.49 -10.78
CA ALA B 12 -12.54 -39.97 -10.01
C ALA B 12 -12.52 -40.49 -8.57
N ARG B 13 -13.65 -40.39 -7.89
CA ARG B 13 -13.70 -40.84 -6.51
C ARG B 13 -13.59 -42.35 -6.37
N GLU B 14 -14.21 -43.08 -7.29
CA GLU B 14 -14.14 -44.53 -7.21
C GLU B 14 -12.71 -45.00 -7.45
N GLU B 15 -11.95 -44.25 -8.24
CA GLU B 15 -10.57 -44.61 -8.56
C GLU B 15 -9.51 -43.91 -7.70
N GLY B 16 -9.93 -43.06 -6.79
CA GLY B 16 -9.00 -42.39 -5.91
C GLY B 16 -8.22 -41.18 -6.39
N TYR B 17 -8.74 -40.42 -7.34
CA TYR B 17 -8.03 -39.23 -7.79
C TYR B 17 -8.95 -38.02 -7.88
N GLY B 18 -8.34 -36.84 -7.91
CA GLY B 18 -9.11 -35.61 -8.00
C GLY B 18 -9.10 -35.01 -9.39
N VAL B 19 -10.11 -34.21 -9.71
CA VAL B 19 -10.19 -33.56 -11.02
C VAL B 19 -10.27 -32.08 -10.78
N GLY B 20 -9.38 -31.32 -11.41
CA GLY B 20 -9.39 -29.88 -11.22
C GLY B 20 -10.54 -29.20 -11.94
N ALA B 21 -11.12 -28.20 -11.29
CA ALA B 21 -12.21 -27.42 -11.86
C ALA B 21 -11.55 -26.06 -12.03
N PHE B 22 -10.99 -25.82 -13.21
CA PHE B 22 -10.29 -24.57 -13.47
C PHE B 22 -11.13 -23.45 -14.05
N ASN B 23 -11.21 -22.35 -13.31
CA ASN B 23 -11.99 -21.20 -13.74
C ASN B 23 -11.34 -20.54 -14.95
N VAL B 24 -12.16 -20.18 -15.94
CA VAL B 24 -11.66 -19.52 -17.14
C VAL B 24 -12.55 -18.31 -17.40
N ASN B 25 -12.01 -17.28 -18.02
CA ASN B 25 -12.78 -16.08 -18.31
C ASN B 25 -12.62 -15.62 -19.76
N ASN B 26 -11.63 -16.15 -20.46
CA ASN B 26 -11.43 -15.79 -21.87
C ASN B 26 -10.80 -16.91 -22.69
N MET B 27 -10.45 -16.59 -23.94
CA MET B 27 -9.85 -17.56 -24.84
C MET B 27 -8.54 -18.15 -24.35
N GLU B 28 -7.59 -17.30 -24.00
CA GLU B 28 -6.29 -17.76 -23.52
C GLU B 28 -6.38 -18.73 -22.35
N PHE B 29 -7.21 -18.39 -21.36
CA PHE B 29 -7.34 -19.27 -20.19
C PHE B 29 -7.94 -20.61 -20.59
N LEU B 30 -8.95 -20.58 -21.44
CA LEU B 30 -9.61 -21.80 -21.89
C LEU B 30 -8.63 -22.68 -22.71
N GLN B 31 -7.85 -22.07 -23.59
CA GLN B 31 -6.88 -22.82 -24.39
C GLN B 31 -5.84 -23.43 -23.46
N ALA B 32 -5.40 -22.66 -22.49
CA ALA B 32 -4.40 -23.14 -21.55
C ALA B 32 -4.88 -24.37 -20.81
N VAL B 33 -6.10 -24.33 -20.29
CA VAL B 33 -6.66 -25.46 -19.55
C VAL B 33 -6.86 -26.71 -20.39
N LEU B 34 -7.42 -26.56 -21.59
CA LEU B 34 -7.66 -27.71 -22.45
C LEU B 34 -6.36 -28.34 -22.95
N GLU B 35 -5.37 -27.53 -23.31
CA GLU B 35 -4.11 -28.09 -23.77
C GLU B 35 -3.44 -28.83 -22.62
N ALA B 36 -3.55 -28.27 -21.41
CA ALA B 36 -2.97 -28.90 -20.23
C ALA B 36 -3.62 -30.26 -20.08
N ALA B 37 -4.93 -30.29 -20.17
CA ALA B 37 -5.68 -31.54 -20.05
C ALA B 37 -5.23 -32.57 -21.09
N GLU B 38 -5.05 -32.12 -22.33
CA GLU B 38 -4.62 -33.00 -23.41
C GLU B 38 -3.21 -33.56 -23.18
N GLU B 39 -2.26 -32.68 -22.85
CA GLU B 39 -0.88 -33.11 -22.63
C GLU B 39 -0.70 -33.98 -21.41
N GLN B 40 -1.69 -33.95 -20.52
CA GLN B 40 -1.63 -34.74 -19.31
C GLN B 40 -2.56 -35.93 -19.44
N ARG B 41 -3.22 -36.05 -20.58
CA ARG B 41 -4.16 -37.14 -20.82
C ARG B 41 -5.05 -37.25 -19.58
N SER B 42 -5.56 -36.09 -19.16
CA SER B 42 -6.39 -36.00 -17.96
C SER B 42 -7.78 -35.39 -18.13
N PRO B 43 -8.77 -35.93 -17.42
CA PRO B 43 -10.09 -35.33 -17.54
C PRO B 43 -9.96 -33.96 -16.86
N VAL B 44 -10.86 -33.05 -17.17
CA VAL B 44 -10.78 -31.71 -16.61
C VAL B 44 -12.16 -31.09 -16.61
N ILE B 45 -12.37 -30.14 -15.72
CA ILE B 45 -13.64 -29.45 -15.64
C ILE B 45 -13.39 -27.97 -15.86
N LEU B 46 -14.08 -27.42 -16.85
CA LEU B 46 -13.98 -26.01 -17.17
C LEU B 46 -15.04 -25.33 -16.32
N ALA B 47 -14.61 -24.46 -15.42
CA ALA B 47 -15.55 -23.77 -14.56
C ALA B 47 -15.70 -22.32 -14.95
N LEU B 48 -16.95 -21.86 -14.96
CA LEU B 48 -17.24 -20.49 -15.29
C LEU B 48 -18.13 -19.90 -14.18
N SER B 49 -17.61 -18.90 -13.50
CA SER B 49 -18.36 -18.24 -12.44
C SER B 49 -19.37 -17.30 -13.13
N GLU B 50 -20.16 -16.59 -12.32
CA GLU B 50 -21.14 -15.66 -12.89
C GLU B 50 -20.38 -14.43 -13.41
N GLY B 51 -19.20 -14.21 -12.89
CA GLY B 51 -18.38 -13.11 -13.35
C GLY B 51 -17.92 -13.46 -14.75
N ALA B 52 -17.64 -14.75 -14.96
CA ALA B 52 -17.19 -15.23 -16.25
C ALA B 52 -18.34 -15.18 -17.25
N MET B 53 -19.52 -15.61 -16.83
CA MET B 53 -20.69 -15.59 -17.70
C MET B 53 -20.95 -14.18 -18.19
N LYS B 54 -20.75 -13.20 -17.31
CA LYS B 54 -21.00 -11.81 -17.66
C LYS B 54 -19.91 -11.26 -18.57
N TYR B 55 -18.66 -11.47 -18.16
CA TYR B 55 -17.51 -10.98 -18.90
C TYR B 55 -17.32 -11.72 -20.23
N GLY B 56 -17.35 -13.05 -20.19
CA GLY B 56 -17.14 -13.84 -21.39
C GLY B 56 -18.37 -13.93 -22.26
N GLY B 57 -19.54 -13.89 -21.64
CA GLY B 57 -20.78 -13.98 -22.37
C GLY B 57 -20.86 -15.14 -23.34
N ARG B 58 -21.62 -14.94 -24.40
CA ARG B 58 -21.82 -15.94 -25.44
C ARG B 58 -20.50 -16.46 -26.04
N ALA B 59 -19.51 -15.57 -26.16
CA ALA B 59 -18.23 -15.97 -26.73
C ALA B 59 -17.57 -17.07 -25.89
N LEU B 60 -17.52 -16.87 -24.57
CA LEU B 60 -16.90 -17.83 -23.68
C LEU B 60 -17.67 -19.14 -23.64
N THR B 61 -18.97 -19.06 -23.42
CA THR B 61 -19.78 -20.27 -23.34
C THR B 61 -19.78 -21.03 -24.65
N LEU B 62 -19.66 -20.31 -25.76
CA LEU B 62 -19.59 -20.96 -27.07
C LEU B 62 -18.31 -21.79 -27.11
N MET B 63 -17.18 -21.14 -26.80
CA MET B 63 -15.89 -21.81 -26.79
C MET B 63 -15.83 -22.98 -25.79
N ALA B 64 -16.23 -22.73 -24.56
CA ALA B 64 -16.19 -23.77 -23.53
C ALA B 64 -16.92 -25.04 -23.96
N VAL B 65 -18.17 -24.90 -24.38
CA VAL B 65 -18.94 -26.06 -24.78
C VAL B 65 -18.45 -26.77 -26.04
N GLU B 66 -18.18 -26.01 -27.10
CA GLU B 66 -17.73 -26.59 -28.37
C GLU B 66 -16.34 -27.17 -28.33
N LEU B 67 -15.38 -26.46 -27.74
CA LEU B 67 -14.02 -26.98 -27.68
C LEU B 67 -14.01 -28.23 -26.80
N ALA B 68 -14.94 -28.30 -25.85
CA ALA B 68 -15.02 -29.46 -24.95
C ALA B 68 -15.40 -30.71 -25.74
N LYS B 69 -16.31 -30.55 -26.70
CA LYS B 69 -16.75 -31.68 -27.53
C LYS B 69 -15.61 -32.22 -28.38
N GLU B 70 -14.65 -31.36 -28.72
CA GLU B 70 -13.53 -31.79 -29.56
C GLU B 70 -12.31 -32.28 -28.80
N ALA B 71 -12.30 -32.11 -27.48
CA ALA B 71 -11.17 -32.55 -26.68
C ALA B 71 -11.06 -34.08 -26.75
N ARG B 72 -9.84 -34.58 -26.64
CA ARG B 72 -9.63 -36.04 -26.67
C ARG B 72 -9.77 -36.59 -25.25
N VAL B 73 -9.94 -35.71 -24.28
CA VAL B 73 -10.11 -36.14 -22.90
C VAL B 73 -11.53 -35.80 -22.47
N PRO B 74 -12.05 -36.45 -21.43
CA PRO B 74 -13.42 -36.06 -21.08
C PRO B 74 -13.45 -34.70 -20.39
N VAL B 75 -14.37 -33.85 -20.84
CA VAL B 75 -14.49 -32.50 -20.31
C VAL B 75 -15.91 -32.17 -19.88
N ALA B 76 -16.04 -31.44 -18.78
CA ALA B 76 -17.35 -31.01 -18.31
C ALA B 76 -17.30 -29.50 -18.21
N VAL B 77 -18.41 -28.85 -18.57
CA VAL B 77 -18.51 -27.39 -18.49
C VAL B 77 -19.41 -27.11 -17.30
N HIS B 78 -18.88 -26.37 -16.35
CA HIS B 78 -19.56 -26.16 -15.08
C HIS B 78 -19.77 -24.73 -14.59
N LEU B 79 -20.99 -24.47 -14.12
CA LEU B 79 -21.34 -23.14 -13.59
C LEU B 79 -20.85 -23.09 -12.15
N ASP B 80 -19.84 -22.26 -11.92
CA ASP B 80 -19.22 -22.12 -10.61
C ASP B 80 -19.93 -21.10 -9.72
N HIS B 81 -20.46 -21.58 -8.60
CA HIS B 81 -21.15 -20.73 -7.62
C HIS B 81 -22.30 -19.88 -8.13
N GLY B 82 -23.32 -20.53 -8.72
CA GLY B 82 -24.45 -19.78 -9.20
C GLY B 82 -25.11 -19.14 -7.99
N SER B 83 -25.78 -18.00 -8.19
CA SER B 83 -26.43 -17.32 -7.08
C SER B 83 -27.95 -17.25 -7.22
N SER B 84 -28.48 -17.79 -8.31
CA SER B 84 -29.92 -17.76 -8.50
C SER B 84 -30.40 -18.87 -9.41
N TYR B 85 -31.71 -19.09 -9.40
CA TYR B 85 -32.33 -20.10 -10.24
C TYR B 85 -32.21 -19.71 -11.71
N GLU B 86 -32.45 -18.44 -12.02
CA GLU B 86 -32.35 -18.02 -13.43
C GLU B 86 -30.91 -18.13 -13.91
N SER B 87 -29.97 -17.89 -13.03
CA SER B 87 -28.56 -18.00 -13.37
C SER B 87 -28.34 -19.43 -13.85
N VAL B 88 -28.90 -20.39 -13.12
CA VAL B 88 -28.77 -21.79 -13.51
C VAL B 88 -29.47 -22.02 -14.86
N LEU B 89 -30.60 -21.34 -15.07
CA LEU B 89 -31.31 -21.50 -16.34
C LEU B 89 -30.45 -21.06 -17.52
N ARG B 90 -29.82 -19.89 -17.39
CA ARG B 90 -28.96 -19.36 -18.45
C ARG B 90 -27.82 -20.33 -18.74
N ALA B 91 -27.34 -21.03 -17.72
CA ALA B 91 -26.24 -21.98 -17.92
C ALA B 91 -26.73 -23.24 -18.63
N LEU B 92 -27.93 -23.68 -18.27
CA LEU B 92 -28.51 -24.86 -18.90
C LEU B 92 -28.72 -24.49 -20.38
N ARG B 93 -29.14 -23.26 -20.60
CA ARG B 93 -29.38 -22.72 -21.94
C ARG B 93 -28.09 -22.71 -22.76
N ALA B 94 -26.98 -22.35 -22.12
CA ALA B 94 -25.70 -22.26 -22.79
C ALA B 94 -24.97 -23.59 -22.97
N GLY B 95 -25.67 -24.69 -22.70
CA GLY B 95 -25.06 -26.01 -22.89
C GLY B 95 -24.18 -26.62 -21.82
N PHE B 96 -24.14 -26.01 -20.63
CA PHE B 96 -23.33 -26.54 -19.52
C PHE B 96 -23.76 -27.97 -19.18
N THR B 97 -22.84 -28.78 -18.67
CA THR B 97 -23.16 -30.16 -18.31
C THR B 97 -23.00 -30.40 -16.81
N SER B 98 -22.95 -29.31 -16.07
CA SER B 98 -22.82 -29.34 -14.62
C SER B 98 -23.13 -27.95 -14.11
N VAL B 99 -24.05 -27.85 -13.17
CA VAL B 99 -24.39 -26.55 -12.60
C VAL B 99 -24.31 -26.58 -11.08
N MET B 100 -23.93 -25.45 -10.51
CA MET B 100 -23.82 -25.34 -9.07
C MET B 100 -24.54 -24.10 -8.57
N ILE B 101 -25.36 -24.31 -7.55
CA ILE B 101 -26.13 -23.25 -6.92
C ILE B 101 -25.64 -23.09 -5.49
N ASP B 102 -25.16 -21.89 -5.15
CA ASP B 102 -24.65 -21.66 -3.80
C ASP B 102 -25.62 -20.92 -2.88
N LYS B 103 -26.25 -21.67 -1.97
CA LYS B 103 -27.17 -21.08 -1.00
C LYS B 103 -26.77 -21.54 0.39
N SER B 104 -25.49 -21.84 0.57
CA SER B 104 -25.00 -22.30 1.85
C SER B 104 -25.04 -21.19 2.89
N HIS B 105 -25.12 -19.95 2.42
CA HIS B 105 -25.18 -18.79 3.32
C HIS B 105 -26.61 -18.62 3.81
N GLU B 106 -27.49 -19.52 3.38
CA GLU B 106 -28.91 -19.50 3.73
C GLU B 106 -29.17 -20.58 4.80
N ASP B 107 -30.35 -20.56 5.42
CA ASP B 107 -30.65 -21.56 6.44
C ASP B 107 -30.98 -22.90 5.78
N PHE B 108 -30.60 -23.99 6.45
CA PHE B 108 -30.80 -25.33 5.93
C PHE B 108 -32.05 -25.57 5.10
N GLU B 109 -33.17 -25.03 5.53
CA GLU B 109 -34.43 -25.24 4.82
C GLU B 109 -34.49 -24.52 3.47
N THR B 110 -33.99 -23.29 3.43
CA THR B 110 -34.00 -22.54 2.19
C THR B 110 -32.99 -23.15 1.22
N ASN B 111 -31.82 -23.50 1.75
CA ASN B 111 -30.77 -24.11 0.94
C ASN B 111 -31.33 -25.36 0.27
N VAL B 112 -32.03 -26.19 1.05
CA VAL B 112 -32.62 -27.41 0.51
C VAL B 112 -33.62 -27.09 -0.60
N ARG B 113 -34.55 -26.18 -0.30
CA ARG B 113 -35.57 -25.76 -1.25
C ARG B 113 -34.94 -25.24 -2.54
N GLU B 114 -34.02 -24.30 -2.39
CA GLU B 114 -33.31 -23.70 -3.53
C GLU B 114 -32.55 -24.72 -4.36
N THR B 115 -31.78 -25.57 -3.69
CA THR B 115 -30.99 -26.59 -4.36
C THR B 115 -31.86 -27.61 -5.07
N ARG B 116 -32.89 -28.09 -4.37
CA ARG B 116 -33.80 -29.08 -4.94
C ARG B 116 -34.42 -28.56 -6.23
N ARG B 117 -34.64 -27.25 -6.27
CA ARG B 117 -35.25 -26.65 -7.45
C ARG B 117 -34.27 -26.66 -8.63
N VAL B 118 -33.00 -26.44 -8.34
CA VAL B 118 -31.98 -26.47 -9.38
C VAL B 118 -31.79 -27.91 -9.87
N VAL B 119 -31.78 -28.85 -8.93
CA VAL B 119 -31.60 -30.26 -9.29
C VAL B 119 -32.70 -30.72 -10.24
N GLU B 120 -33.93 -30.36 -9.94
CA GLU B 120 -35.06 -30.76 -10.77
C GLU B 120 -34.95 -30.18 -12.18
N ALA B 121 -34.54 -28.92 -12.28
CA ALA B 121 -34.37 -28.29 -13.57
C ALA B 121 -33.23 -28.95 -14.33
N ALA B 122 -32.07 -29.05 -13.69
CA ALA B 122 -30.89 -29.67 -14.32
C ALA B 122 -31.13 -31.11 -14.77
N HIS B 123 -31.64 -31.95 -13.87
CA HIS B 123 -31.89 -33.35 -14.21
C HIS B 123 -32.90 -33.50 -15.34
N ALA B 124 -33.81 -32.55 -15.46
CA ALA B 124 -34.80 -32.61 -16.53
C ALA B 124 -34.10 -32.47 -17.88
N VAL B 125 -32.92 -31.84 -17.89
CA VAL B 125 -32.17 -31.64 -19.12
C VAL B 125 -30.86 -32.42 -19.20
N GLY B 126 -30.72 -33.43 -18.34
CA GLY B 126 -29.53 -34.27 -18.33
C GLY B 126 -28.26 -33.66 -17.77
N VAL B 127 -28.39 -32.64 -16.93
CA VAL B 127 -27.24 -31.97 -16.32
C VAL B 127 -27.13 -32.29 -14.82
N THR B 128 -25.91 -32.55 -14.36
CA THR B 128 -25.69 -32.87 -12.96
C THR B 128 -25.38 -31.62 -12.16
N VAL B 129 -25.62 -31.68 -10.85
CA VAL B 129 -25.43 -30.49 -10.03
C VAL B 129 -24.60 -30.64 -8.76
N GLU B 130 -23.94 -29.53 -8.41
CA GLU B 130 -23.13 -29.46 -7.22
C GLU B 130 -23.88 -28.56 -6.26
N ALA B 131 -23.91 -28.95 -4.98
CA ALA B 131 -24.57 -28.14 -3.97
C ALA B 131 -23.54 -27.89 -2.89
N GLU B 132 -23.76 -26.87 -2.07
CA GLU B 132 -22.83 -26.57 -1.01
C GLU B 132 -23.47 -26.39 0.36
N LEU B 133 -22.86 -27.02 1.35
CA LEU B 133 -23.32 -26.95 2.72
C LEU B 133 -22.09 -26.56 3.53
N GLY B 134 -22.22 -25.49 4.31
CA GLY B 134 -21.10 -25.05 5.13
C GLY B 134 -21.38 -25.21 6.62
N ARG B 135 -21.87 -24.14 7.22
CA ARG B 135 -22.19 -24.09 8.64
C ARG B 135 -22.98 -25.28 9.17
N LEU B 136 -23.00 -25.42 10.48
CA LEU B 136 -23.75 -26.49 11.14
C LEU B 136 -25.16 -25.94 11.27
N ALA B 137 -26.14 -26.66 10.74
CA ALA B 137 -27.53 -26.20 10.80
C ALA B 137 -28.12 -26.36 12.19
N GLY B 138 -28.13 -27.59 12.69
CA GLY B 138 -28.69 -27.87 13.99
C GLY B 138 -29.91 -28.74 13.79
N ILE B 139 -30.06 -29.19 12.55
CA ILE B 139 -31.19 -30.05 12.18
C ILE B 139 -31.42 -31.11 13.22
N GLU B 140 -30.70 -32.23 13.14
CA GLU B 140 -30.96 -33.26 14.13
C GLU B 140 -30.61 -32.79 15.56
N GLU B 141 -30.22 -31.53 15.70
CA GLU B 141 -29.81 -30.92 16.96
C GLU B 141 -28.43 -31.41 17.38
N HIS B 142 -27.41 -30.64 16.98
CA HIS B 142 -26.05 -30.93 17.29
C HIS B 142 -25.42 -29.72 17.94
N VAL B 143 -24.63 -29.92 18.99
CA VAL B 143 -23.99 -28.79 19.65
C VAL B 143 -22.50 -28.75 19.33
N ALA B 144 -22.06 -27.61 18.82
CA ALA B 144 -20.67 -27.43 18.47
C ALA B 144 -19.78 -27.61 19.69
N VAL B 145 -18.95 -28.65 19.66
CA VAL B 145 -18.04 -28.93 20.76
C VAL B 145 -16.75 -28.16 20.53
N ASP B 146 -16.77 -27.29 19.53
CA ASP B 146 -15.60 -26.49 19.17
C ASP B 146 -16.05 -25.27 18.36
N GLU B 147 -15.27 -24.20 18.41
CA GLU B 147 -15.62 -22.99 17.66
C GLU B 147 -15.63 -23.27 16.16
N LYS B 148 -14.81 -24.21 15.72
CA LYS B 148 -14.76 -24.57 14.31
C LYS B 148 -15.92 -25.48 13.97
N ASP B 149 -16.13 -26.47 14.83
CA ASP B 149 -17.21 -27.45 14.65
C ASP B 149 -18.56 -26.78 14.43
N ALA B 150 -18.63 -25.48 14.64
CA ALA B 150 -19.86 -24.74 14.44
C ALA B 150 -19.92 -24.10 13.06
N LEU B 151 -18.77 -23.86 12.47
CA LEU B 151 -18.68 -23.26 11.14
C LEU B 151 -18.56 -24.30 10.04
N LEU B 152 -17.75 -25.32 10.29
CA LEU B 152 -17.53 -26.40 9.33
C LEU B 152 -18.78 -27.27 9.17
N THR B 153 -18.75 -28.16 8.19
CA THR B 153 -19.88 -29.03 7.88
C THR B 153 -20.03 -30.30 8.73
N ASN B 154 -21.24 -30.49 9.24
CA ASN B 154 -21.57 -31.65 10.06
C ASN B 154 -21.92 -32.83 9.16
N PRO B 155 -21.21 -33.95 9.32
CA PRO B 155 -21.45 -35.15 8.52
C PRO B 155 -22.93 -35.50 8.38
N GLU B 156 -23.59 -35.76 9.51
CA GLU B 156 -25.00 -36.11 9.51
C GLU B 156 -25.84 -35.17 8.68
N GLU B 157 -25.64 -33.87 8.89
CA GLU B 157 -26.38 -32.86 8.15
C GLU B 157 -26.12 -33.02 6.65
N ALA B 158 -24.88 -33.32 6.31
CA ALA B 158 -24.50 -33.49 4.92
C ALA B 158 -25.31 -34.62 4.29
N ARG B 159 -25.45 -35.73 5.00
CA ARG B 159 -26.22 -36.86 4.47
C ARG B 159 -27.64 -36.43 4.15
N ILE B 160 -28.33 -35.90 5.15
CA ILE B 160 -29.71 -35.45 4.99
C ILE B 160 -29.86 -34.44 3.85
N PHE B 161 -28.94 -33.48 3.78
CA PHE B 161 -28.97 -32.46 2.74
C PHE B 161 -29.01 -33.10 1.35
N MET B 162 -28.07 -34.00 1.11
CA MET B 162 -27.98 -34.71 -0.16
C MET B 162 -29.17 -35.63 -0.39
N GLU B 163 -29.70 -36.18 0.69
CA GLU B 163 -30.83 -37.08 0.58
C GLU B 163 -32.10 -36.31 0.18
N ARG B 164 -32.22 -35.09 0.67
CA ARG B 164 -33.37 -34.28 0.37
C ARG B 164 -33.29 -33.52 -0.96
N THR B 165 -32.11 -32.97 -1.26
CA THR B 165 -31.93 -32.21 -2.51
C THR B 165 -31.77 -33.09 -3.73
N GLY B 166 -31.11 -34.22 -3.57
CA GLY B 166 -30.91 -35.11 -4.70
C GLY B 166 -29.77 -34.61 -5.56
N ALA B 167 -28.88 -33.82 -4.98
CA ALA B 167 -27.72 -33.28 -5.69
C ALA B 167 -26.81 -34.44 -6.12
N ASP B 168 -25.92 -34.19 -7.08
CA ASP B 168 -25.03 -35.24 -7.56
C ASP B 168 -23.66 -35.29 -6.87
N TYR B 169 -23.14 -34.14 -6.47
CA TYR B 169 -21.87 -34.07 -5.75
C TYR B 169 -21.98 -32.96 -4.75
N LEU B 170 -21.16 -32.99 -3.70
CA LEU B 170 -21.26 -32.01 -2.64
C LEU B 170 -19.98 -31.32 -2.22
N ALA B 171 -20.06 -30.01 -2.06
CA ALA B 171 -18.94 -29.21 -1.62
C ALA B 171 -19.15 -29.07 -0.11
N VAL B 172 -18.12 -29.33 0.68
CA VAL B 172 -18.24 -29.24 2.13
C VAL B 172 -17.17 -28.36 2.75
N ALA B 173 -17.52 -27.76 3.88
CA ALA B 173 -16.60 -26.89 4.61
C ALA B 173 -15.76 -27.76 5.52
N ILE B 174 -14.45 -27.79 5.28
CA ILE B 174 -13.56 -28.59 6.10
C ILE B 174 -12.26 -27.88 6.49
N GLY B 175 -12.28 -26.55 6.52
CA GLY B 175 -11.07 -25.85 6.93
C GLY B 175 -10.42 -24.84 5.99
N THR B 176 -10.86 -24.76 4.74
CA THR B 176 -10.27 -23.80 3.81
C THR B 176 -10.91 -22.43 4.04
N SER B 177 -10.14 -21.38 3.81
CA SER B 177 -10.66 -20.03 3.99
C SER B 177 -11.74 -19.82 2.93
N HIS B 178 -12.96 -20.25 3.26
CA HIS B 178 -14.08 -20.16 2.34
C HIS B 178 -15.40 -20.22 3.10
N GLY B 179 -16.21 -19.18 2.98
CA GLY B 179 -17.49 -19.16 3.66
C GLY B 179 -17.39 -18.75 5.12
N ALA B 180 -18.24 -19.40 5.95
CA ALA B 180 -18.28 -19.06 7.37
C ALA B 180 -16.90 -19.11 8.02
N TYR B 181 -16.10 -20.11 7.63
CA TYR B 181 -14.78 -20.29 8.22
C TYR B 181 -13.77 -19.29 7.63
N LYS B 182 -14.20 -18.47 6.67
CA LYS B 182 -13.26 -17.51 6.08
C LYS B 182 -12.77 -16.50 7.11
N GLY B 183 -11.49 -16.17 7.02
CA GLY B 183 -10.88 -15.23 7.93
C GLY B 183 -11.20 -15.48 9.40
N LYS B 184 -11.54 -16.73 9.72
CA LYS B 184 -11.87 -17.09 11.09
C LYS B 184 -10.84 -18.07 11.66
N GLY B 185 -9.68 -18.15 11.01
CA GLY B 185 -8.65 -19.05 11.49
C GLY B 185 -7.69 -19.49 10.39
N ARG B 186 -6.65 -20.21 10.78
CA ARG B 186 -5.65 -20.70 9.83
C ARG B 186 -6.19 -21.81 8.94
N PRO B 187 -6.02 -21.67 7.62
CA PRO B 187 -6.49 -22.65 6.65
C PRO B 187 -5.91 -24.03 6.92
N PHE B 188 -6.76 -25.06 6.81
CA PHE B 188 -6.35 -26.43 7.04
C PHE B 188 -7.43 -27.37 6.50
N ILE B 189 -7.21 -28.67 6.65
CA ILE B 189 -8.19 -29.64 6.19
C ILE B 189 -8.53 -30.61 7.32
N ASP B 190 -9.76 -30.50 7.82
CA ASP B 190 -10.24 -31.36 8.89
C ASP B 190 -10.51 -32.74 8.30
N HIS B 191 -9.43 -33.47 8.03
CA HIS B 191 -9.50 -34.80 7.44
C HIS B 191 -10.44 -35.76 8.16
N ALA B 192 -10.42 -35.73 9.49
CA ALA B 192 -11.29 -36.60 10.27
C ALA B 192 -12.74 -36.32 9.90
N ARG B 193 -13.09 -35.04 9.86
CA ARG B 193 -14.44 -34.62 9.50
C ARG B 193 -14.74 -35.09 8.08
N LEU B 194 -13.80 -34.83 7.17
CA LEU B 194 -13.95 -35.21 5.76
C LEU B 194 -14.25 -36.71 5.65
N GLU B 195 -13.52 -37.51 6.41
CA GLU B 195 -13.71 -38.96 6.39
C GLU B 195 -15.10 -39.34 6.91
N ARG B 196 -15.54 -38.68 7.96
CA ARG B 196 -16.87 -38.97 8.51
C ARG B 196 -17.93 -38.61 7.46
N ILE B 197 -17.73 -37.46 6.81
CA ILE B 197 -18.66 -37.00 5.79
C ILE B 197 -18.73 -38.01 4.65
N ALA B 198 -17.56 -38.46 4.20
CA ALA B 198 -17.48 -39.42 3.11
C ALA B 198 -18.10 -40.76 3.45
N ARG B 199 -18.14 -41.09 4.74
CA ARG B 199 -18.71 -42.37 5.14
C ARG B 199 -20.23 -42.35 4.96
N LEU B 200 -20.83 -41.19 5.19
CA LEU B 200 -22.28 -41.03 5.08
C LEU B 200 -22.74 -40.49 3.73
N VAL B 201 -21.79 -40.00 2.93
CA VAL B 201 -22.11 -39.45 1.62
C VAL B 201 -21.22 -40.08 0.55
N PRO B 202 -21.75 -41.07 -0.19
CA PRO B 202 -20.99 -41.74 -1.23
C PRO B 202 -20.74 -40.90 -2.48
N ALA B 203 -21.47 -39.79 -2.60
CA ALA B 203 -21.32 -38.92 -3.76
C ALA B 203 -19.95 -38.23 -3.72
N PRO B 204 -19.39 -37.89 -4.88
CA PRO B 204 -18.10 -37.22 -4.90
C PRO B 204 -18.16 -35.91 -4.13
N LEU B 205 -17.09 -35.61 -3.40
CA LEU B 205 -17.03 -34.39 -2.61
C LEU B 205 -16.25 -33.30 -3.33
N VAL B 206 -16.62 -32.07 -3.04
CA VAL B 206 -16.02 -30.90 -3.66
C VAL B 206 -15.30 -30.02 -2.66
N LEU B 207 -14.13 -29.52 -3.05
CA LEU B 207 -13.32 -28.67 -2.19
C LEU B 207 -13.16 -27.25 -2.76
N HIS B 208 -13.62 -26.26 -2.02
CA HIS B 208 -13.51 -24.86 -2.45
C HIS B 208 -12.44 -24.13 -1.65
N GLY B 209 -12.10 -22.94 -2.10
CA GLY B 209 -11.12 -22.10 -1.42
C GLY B 209 -9.74 -22.69 -1.18
N ALA B 210 -9.46 -23.83 -1.80
CA ALA B 210 -8.15 -24.45 -1.62
C ALA B 210 -7.23 -24.20 -2.80
N SER B 211 -6.24 -23.33 -2.62
CA SER B 211 -5.29 -23.07 -3.68
C SER B 211 -3.89 -23.28 -3.11
N ALA B 212 -3.00 -23.87 -3.90
CA ALA B 212 -1.64 -24.11 -3.45
C ALA B 212 -0.98 -22.78 -3.13
N VAL B 213 -1.01 -21.86 -4.09
CA VAL B 213 -0.41 -20.54 -3.92
C VAL B 213 1.05 -20.72 -3.50
N PRO B 214 1.81 -21.52 -4.24
CA PRO B 214 3.22 -21.73 -3.88
C PRO B 214 3.99 -20.42 -3.78
N PRO B 215 5.03 -20.37 -2.92
CA PRO B 215 5.86 -19.19 -2.71
C PRO B 215 6.57 -18.69 -3.97
N GLU B 216 6.91 -19.61 -4.87
CA GLU B 216 7.60 -19.26 -6.11
C GLU B 216 6.73 -18.37 -6.98
N LEU B 217 5.44 -18.68 -6.99
CA LEU B 217 4.45 -17.93 -7.78
C LEU B 217 4.29 -16.52 -7.24
N VAL B 218 4.04 -16.43 -5.93
CA VAL B 218 3.86 -15.13 -5.28
C VAL B 218 5.14 -14.30 -5.45
N GLU B 219 6.28 -14.97 -5.32
CA GLU B 219 7.57 -14.30 -5.48
C GLU B 219 7.63 -13.65 -6.85
N ARG B 220 7.34 -14.44 -7.88
CA ARG B 220 7.36 -13.95 -9.25
C ARG B 220 6.37 -12.81 -9.44
N PHE B 221 5.22 -12.91 -8.79
CA PHE B 221 4.21 -11.87 -8.89
C PHE B 221 4.76 -10.59 -8.27
N ARG B 222 5.22 -10.68 -7.03
CA ARG B 222 5.77 -9.52 -6.35
C ARG B 222 6.95 -8.93 -7.14
N ALA B 223 7.77 -9.80 -7.72
CA ALA B 223 8.91 -9.33 -8.49
C ALA B 223 8.47 -8.55 -9.73
N SER B 224 7.31 -8.91 -10.29
CA SER B 224 6.81 -8.24 -11.48
C SER B 224 6.20 -6.88 -11.16
N GLY B 225 6.17 -6.53 -9.88
CA GLY B 225 5.62 -5.24 -9.50
C GLY B 225 4.26 -5.37 -8.82
N GLY B 226 3.81 -6.60 -8.61
CA GLY B 226 2.53 -6.82 -7.98
C GLY B 226 2.63 -6.83 -6.47
N GLU B 227 1.50 -6.54 -5.82
CA GLU B 227 1.42 -6.49 -4.36
C GLU B 227 0.31 -7.42 -3.86
N ILE B 228 0.66 -8.30 -2.94
CA ILE B 228 -0.32 -9.23 -2.39
C ILE B 228 0.01 -9.56 -0.93
N GLY B 229 -1.04 -9.73 -0.12
CA GLY B 229 -0.83 -10.04 1.28
C GLY B 229 -0.25 -11.42 1.48
N GLU B 230 0.01 -11.78 2.73
CA GLU B 230 0.57 -13.09 3.03
C GLU B 230 -0.43 -14.17 2.67
N ALA B 231 -0.36 -14.66 1.44
CA ALA B 231 -1.28 -15.69 0.97
C ALA B 231 -1.06 -16.97 1.79
N ALA B 232 -2.16 -17.62 2.13
CA ALA B 232 -2.10 -18.87 2.90
C ALA B 232 -2.96 -19.93 2.25
N GLY B 233 -2.31 -20.86 1.53
CA GLY B 233 -3.05 -21.92 0.87
C GLY B 233 -2.81 -23.27 1.51
N ILE B 234 -3.65 -24.25 1.15
CA ILE B 234 -3.54 -25.59 1.67
C ILE B 234 -2.24 -26.25 1.18
N HIS B 235 -1.68 -27.11 2.03
CA HIS B 235 -0.44 -27.81 1.71
C HIS B 235 -0.69 -28.99 0.77
N PRO B 236 0.21 -29.23 -0.20
CA PRO B 236 0.09 -30.32 -1.16
C PRO B 236 -0.32 -31.66 -0.55
N GLU B 237 0.33 -32.04 0.55
CA GLU B 237 0.02 -33.30 1.22
C GLU B 237 -1.45 -33.35 1.65
N ASP B 238 -1.92 -32.24 2.22
CA ASP B 238 -3.31 -32.18 2.66
C ASP B 238 -4.25 -32.46 1.48
N ILE B 239 -4.03 -31.75 0.38
CA ILE B 239 -4.86 -31.94 -0.81
C ILE B 239 -4.78 -33.39 -1.25
N LYS B 240 -3.58 -33.96 -1.25
CA LYS B 240 -3.42 -35.35 -1.66
C LYS B 240 -4.18 -36.31 -0.76
N LYS B 241 -4.27 -35.97 0.52
CA LYS B 241 -4.97 -36.82 1.49
C LYS B 241 -6.48 -36.58 1.40
N ALA B 242 -6.88 -35.32 1.27
CA ALA B 242 -8.30 -35.00 1.15
C ALA B 242 -8.85 -35.82 -0.01
N ILE B 243 -8.12 -35.81 -1.13
CA ILE B 243 -8.54 -36.57 -2.31
C ILE B 243 -8.62 -38.05 -1.97
N SER B 244 -7.63 -38.55 -1.22
CA SER B 244 -7.62 -39.96 -0.83
C SER B 244 -8.85 -40.25 0.01
N LEU B 245 -9.37 -39.23 0.68
CA LEU B 245 -10.54 -39.40 1.53
C LEU B 245 -11.89 -39.16 0.85
N GLY B 246 -11.89 -38.68 -0.39
CA GLY B 246 -13.15 -38.48 -1.08
C GLY B 246 -13.31 -37.20 -1.89
N ILE B 247 -12.40 -36.25 -1.76
CA ILE B 247 -12.50 -35.03 -2.55
C ILE B 247 -12.23 -35.47 -4.00
N ALA B 248 -13.16 -35.11 -4.89
CA ALA B 248 -13.00 -35.49 -6.28
C ALA B 248 -12.90 -34.28 -7.22
N LYS B 249 -13.35 -33.12 -6.73
CA LYS B 249 -13.32 -31.89 -7.51
C LYS B 249 -12.63 -30.82 -6.69
N ILE B 250 -11.63 -30.19 -7.28
CA ILE B 250 -10.88 -29.14 -6.59
C ILE B 250 -10.92 -27.85 -7.40
N ASN B 251 -11.62 -26.85 -6.87
CA ASN B 251 -11.73 -25.57 -7.54
C ASN B 251 -10.39 -24.88 -7.51
N THR B 252 -9.95 -24.43 -8.69
CA THR B 252 -8.68 -23.76 -8.85
C THR B 252 -8.89 -22.53 -9.71
N ASP B 253 -8.43 -21.38 -9.23
CA ASP B 253 -8.61 -20.15 -9.98
C ASP B 253 -7.54 -19.10 -9.65
N THR B 254 -7.40 -18.79 -8.37
CA THR B 254 -6.43 -17.79 -7.92
C THR B 254 -5.03 -18.01 -8.49
N ASP B 255 -4.55 -19.24 -8.40
CA ASP B 255 -3.23 -19.56 -8.90
C ASP B 255 -3.08 -19.22 -10.39
N LEU B 256 -4.16 -19.38 -11.17
CA LEU B 256 -4.11 -19.08 -12.59
C LEU B 256 -4.00 -17.58 -12.82
N ARG B 257 -4.83 -16.82 -12.11
CA ARG B 257 -4.83 -15.36 -12.25
C ARG B 257 -3.46 -14.80 -11.90
N LEU B 258 -2.85 -15.32 -10.84
CA LEU B 258 -1.54 -14.85 -10.42
C LEU B 258 -0.49 -15.07 -11.51
N ALA B 259 -0.38 -16.29 -12.01
CA ALA B 259 0.60 -16.58 -13.05
C ALA B 259 0.33 -15.72 -14.28
N PHE B 260 -0.92 -15.69 -14.75
CA PHE B 260 -1.29 -14.91 -15.92
C PHE B 260 -0.89 -13.44 -15.75
N THR B 261 -1.28 -12.85 -14.64
CA THR B 261 -0.97 -11.45 -14.36
C THR B 261 0.53 -11.19 -14.26
N ALA B 262 1.24 -12.06 -13.54
CA ALA B 262 2.68 -11.87 -13.38
C ALA B 262 3.41 -11.80 -14.72
N LEU B 263 3.11 -12.72 -15.64
CA LEU B 263 3.79 -12.70 -16.92
C LEU B 263 3.46 -11.49 -17.79
N ILE B 264 2.25 -10.98 -17.69
CA ILE B 264 1.91 -9.81 -18.47
C ILE B 264 2.82 -8.69 -17.95
N ARG B 265 2.94 -8.59 -16.63
CA ARG B 265 3.79 -7.56 -16.04
C ARG B 265 5.25 -7.67 -16.48
N GLU B 266 5.80 -8.88 -16.41
CA GLU B 266 7.18 -9.07 -16.82
C GLU B 266 7.40 -8.58 -18.25
N ALA B 267 6.50 -8.98 -19.15
CA ALA B 267 6.62 -8.60 -20.55
C ALA B 267 6.45 -7.11 -20.78
N LEU B 268 5.52 -6.48 -20.06
CA LEU B 268 5.32 -5.05 -20.25
C LEU B 268 6.42 -4.22 -19.57
N ASN B 269 6.95 -4.72 -18.46
CA ASN B 269 8.02 -4.01 -17.75
C ASN B 269 9.30 -4.03 -18.58
N LYS B 270 9.55 -5.17 -19.21
CA LYS B 270 10.75 -5.37 -20.01
C LYS B 270 10.68 -4.88 -21.45
N ASN B 271 9.48 -4.88 -22.04
CA ASN B 271 9.34 -4.46 -23.42
C ASN B 271 8.33 -3.33 -23.60
N PRO B 272 8.66 -2.13 -23.11
CA PRO B 272 7.76 -0.98 -23.23
C PRO B 272 7.39 -0.60 -24.66
N LYS B 273 8.16 -1.07 -25.63
CA LYS B 273 7.88 -0.77 -27.04
C LYS B 273 6.87 -1.75 -27.64
N GLU B 274 6.45 -2.72 -26.83
CA GLU B 274 5.52 -3.75 -27.27
C GLU B 274 4.04 -3.39 -27.15
N PHE B 275 3.31 -3.47 -28.26
CA PHE B 275 1.89 -3.22 -28.21
C PHE B 275 1.10 -4.29 -29.00
N ASP B 276 1.78 -5.39 -29.31
CA ASP B 276 1.16 -6.54 -29.98
C ASP B 276 0.69 -7.43 -28.84
N PRO B 277 -0.63 -7.48 -28.60
CA PRO B 277 -1.18 -8.31 -27.52
C PRO B 277 -0.64 -9.72 -27.41
N ARG B 278 -0.45 -10.37 -28.55
CA ARG B 278 0.05 -11.74 -28.55
C ARG B 278 1.40 -11.88 -27.86
N LYS B 279 2.21 -10.84 -27.94
CA LYS B 279 3.54 -10.87 -27.33
C LYS B 279 3.56 -10.96 -25.81
N TYR B 280 2.54 -10.43 -25.15
CA TYR B 280 2.51 -10.54 -23.69
C TYR B 280 1.42 -11.46 -23.17
N LEU B 281 0.39 -11.71 -23.97
CA LEU B 281 -0.70 -12.60 -23.55
C LEU B 281 -0.31 -14.05 -23.80
N GLY B 282 0.46 -14.29 -24.86
CA GLY B 282 0.88 -15.65 -25.19
C GLY B 282 1.69 -16.30 -24.09
N PRO B 283 2.79 -15.67 -23.64
CA PRO B 283 3.61 -16.26 -22.58
C PRO B 283 2.79 -16.37 -21.29
N ALA B 284 1.83 -15.47 -21.13
CA ALA B 284 0.97 -15.47 -19.95
C ALA B 284 0.09 -16.72 -20.03
N ARG B 285 -0.42 -17.00 -21.22
CA ARG B 285 -1.26 -18.17 -21.43
C ARG B 285 -0.49 -19.45 -21.09
N GLU B 286 0.78 -19.51 -21.50
CA GLU B 286 1.65 -20.66 -21.22
C GLU B 286 1.85 -20.88 -19.72
N ALA B 287 2.06 -19.80 -18.99
CA ALA B 287 2.27 -19.89 -17.54
C ALA B 287 1.03 -20.53 -16.92
N VAL B 288 -0.13 -20.12 -17.39
CA VAL B 288 -1.39 -20.65 -16.88
C VAL B 288 -1.42 -22.14 -17.15
N LYS B 289 -1.07 -22.51 -18.38
CA LYS B 289 -1.07 -23.91 -18.75
C LYS B 289 -0.21 -24.73 -17.80
N GLU B 290 1.00 -24.25 -17.54
CA GLU B 290 1.92 -24.95 -16.63
C GLU B 290 1.31 -25.15 -15.25
N VAL B 291 0.65 -24.12 -14.72
CA VAL B 291 0.04 -24.23 -13.40
C VAL B 291 -1.02 -25.33 -13.44
N VAL B 292 -1.84 -25.32 -14.49
CA VAL B 292 -2.88 -26.31 -14.65
C VAL B 292 -2.30 -27.72 -14.67
N LYS B 293 -1.22 -27.92 -15.42
CA LYS B 293 -0.59 -29.23 -15.54
C LYS B 293 -0.03 -29.75 -14.22
N SER B 294 0.49 -28.84 -13.38
CA SER B 294 1.02 -29.24 -12.09
C SER B 294 -0.09 -29.67 -11.16
N ARG B 295 -1.20 -28.93 -11.21
CA ARG B 295 -2.34 -29.24 -10.37
C ARG B 295 -2.87 -30.62 -10.70
N MET B 296 -2.98 -30.92 -12.00
CA MET B 296 -3.46 -32.21 -12.45
C MET B 296 -2.53 -33.27 -11.89
N GLU B 297 -1.23 -32.96 -11.94
CA GLU B 297 -0.19 -33.84 -11.45
C GLU B 297 -0.41 -34.08 -9.95
N LEU B 298 -0.56 -32.99 -9.20
CA LEU B 298 -0.78 -33.07 -7.77
C LEU B 298 -2.08 -33.83 -7.46
N PHE B 299 -3.13 -33.54 -8.22
CA PHE B 299 -4.43 -34.18 -8.02
C PHE B 299 -4.47 -35.65 -8.41
N GLY B 300 -3.49 -36.09 -9.19
CA GLY B 300 -3.44 -37.48 -9.62
C GLY B 300 -4.29 -37.87 -10.81
N SER B 301 -4.62 -36.91 -11.67
CA SER B 301 -5.46 -37.21 -12.84
C SER B 301 -4.71 -37.48 -14.14
N VAL B 302 -3.38 -37.49 -14.08
CA VAL B 302 -2.57 -37.74 -15.29
C VAL B 302 -2.81 -39.14 -15.85
N GLY B 303 -3.15 -39.23 -17.12
CA GLY B 303 -3.39 -40.53 -17.74
C GLY B 303 -4.70 -41.18 -17.37
N ARG B 304 -5.58 -40.44 -16.70
CA ARG B 304 -6.88 -40.99 -16.31
C ARG B 304 -7.90 -40.81 -17.43
N ALA B 305 -7.50 -40.12 -18.49
CA ALA B 305 -8.41 -39.87 -19.61
C ALA B 305 -9.01 -41.15 -20.16
N MET C 1 29.76 6.39 25.28
CA MET C 1 30.16 6.87 23.93
C MET C 1 29.19 6.40 22.84
N LEU C 2 29.21 7.12 21.73
CA LEU C 2 28.37 6.81 20.59
C LEU C 2 29.22 5.99 19.64
N VAL C 3 28.76 4.76 19.38
CA VAL C 3 29.47 3.83 18.51
C VAL C 3 28.50 3.17 17.52
N THR C 4 29.04 2.51 16.51
CA THR C 4 28.20 1.85 15.53
C THR C 4 27.45 0.68 16.17
N GLY C 5 26.38 0.24 15.52
CA GLY C 5 25.61 -0.88 16.05
C GLY C 5 26.44 -2.16 16.04
N LEU C 6 27.27 -2.32 15.01
CA LEU C 6 28.10 -3.52 14.88
C LEU C 6 29.14 -3.65 16.00
N GLU C 7 29.74 -2.53 16.39
CA GLU C 7 30.77 -2.57 17.42
C GLU C 7 30.18 -3.19 18.68
N ILE C 8 28.90 -2.92 18.92
CA ILE C 8 28.20 -3.45 20.07
C ILE C 8 27.74 -4.89 19.85
N LEU C 9 27.14 -5.16 18.69
CA LEU C 9 26.61 -6.48 18.37
C LEU C 9 27.68 -7.55 18.12
N LYS C 10 28.78 -7.17 17.48
CA LYS C 10 29.87 -8.11 17.20
C LYS C 10 30.39 -8.66 18.53
N LYS C 11 30.49 -7.77 19.51
CA LYS C 11 30.98 -8.12 20.85
C LYS C 11 29.92 -8.94 21.60
N ALA C 12 28.68 -8.49 21.54
CA ALA C 12 27.60 -9.20 22.21
C ALA C 12 27.54 -10.67 21.75
N ARG C 13 27.63 -10.91 20.45
CA ARG C 13 27.56 -12.29 19.97
C ARG C 13 28.80 -13.10 20.33
N GLU C 14 29.99 -12.50 20.22
CA GLU C 14 31.20 -13.25 20.54
C GLU C 14 31.24 -13.65 22.01
N GLU C 15 30.80 -12.76 22.89
CA GLU C 15 30.82 -13.03 24.32
C GLU C 15 29.53 -13.66 24.84
N GLY C 16 28.64 -14.02 23.91
CA GLY C 16 27.40 -14.71 24.25
C GLY C 16 26.31 -13.98 25.08
N TYR C 17 26.08 -12.69 24.87
CA TYR C 17 25.02 -12.00 25.60
C TYR C 17 24.27 -11.15 24.59
N GLY C 18 23.09 -10.68 24.97
CA GLY C 18 22.31 -9.86 24.07
C GLY C 18 22.25 -8.40 24.49
N VAL C 19 22.07 -7.52 23.52
CA VAL C 19 21.96 -6.09 23.79
C VAL C 19 20.57 -5.64 23.35
N GLY C 20 19.86 -4.96 24.25
CA GLY C 20 18.53 -4.51 23.93
C GLY C 20 18.51 -3.27 23.05
N ALA C 21 17.49 -3.19 22.20
CA ALA C 21 17.28 -2.05 21.31
C ALA C 21 15.93 -1.54 21.76
N PHE C 22 15.95 -0.55 22.65
CA PHE C 22 14.71 -0.01 23.17
C PHE C 22 14.19 1.17 22.39
N ASN C 23 12.98 1.03 21.87
CA ASN C 23 12.36 2.11 21.11
C ASN C 23 12.04 3.27 22.03
N VAL C 24 12.32 4.49 21.57
CA VAL C 24 12.02 5.68 22.34
C VAL C 24 11.30 6.64 21.42
N ASN C 25 10.40 7.44 21.97
CA ASN C 25 9.66 8.40 21.17
C ASN C 25 9.73 9.83 21.70
N ASN C 26 10.23 9.98 22.92
CA ASN C 26 10.33 11.31 23.50
C ASN C 26 11.40 11.42 24.59
N MET C 27 11.43 12.54 25.30
CA MET C 27 12.46 12.76 26.32
C MET C 27 12.51 11.75 27.48
N GLU C 28 11.41 11.58 28.20
CA GLU C 28 11.50 10.67 29.33
C GLU C 28 11.75 9.21 28.99
N PHE C 29 11.42 8.77 27.79
CA PHE C 29 11.68 7.39 27.41
C PHE C 29 13.18 7.24 27.19
N LEU C 30 13.76 8.24 26.55
CA LEU C 30 15.19 8.24 26.25
C LEU C 30 15.99 8.28 27.55
N GLN C 31 15.57 9.12 28.50
CA GLN C 31 16.26 9.24 29.78
C GLN C 31 16.24 7.90 30.53
N ALA C 32 15.06 7.30 30.62
CA ALA C 32 14.91 6.02 31.29
C ALA C 32 15.88 4.99 30.71
N VAL C 33 15.92 4.89 29.38
CA VAL C 33 16.80 3.92 28.74
C VAL C 33 18.27 4.14 29.02
N LEU C 34 18.73 5.37 28.82
CA LEU C 34 20.14 5.68 29.05
C LEU C 34 20.52 5.55 30.52
N GLU C 35 19.61 5.97 31.40
CA GLU C 35 19.85 5.90 32.83
C GLU C 35 19.93 4.44 33.26
N ALA C 36 18.94 3.65 32.81
CA ALA C 36 18.90 2.23 33.11
C ALA C 36 20.18 1.59 32.60
N ALA C 37 20.71 2.11 31.50
CA ALA C 37 21.94 1.56 30.92
C ALA C 37 23.19 1.98 31.70
N GLU C 38 23.12 3.10 32.40
CA GLU C 38 24.27 3.56 33.17
C GLU C 38 24.33 2.80 34.49
N GLU C 39 23.17 2.60 35.12
CA GLU C 39 23.11 1.89 36.39
C GLU C 39 23.42 0.40 36.27
N GLN C 40 23.27 -0.14 35.06
CA GLN C 40 23.55 -1.56 34.82
C GLN C 40 24.91 -1.67 34.16
N ARG C 41 25.53 -0.55 33.86
CA ARG C 41 26.84 -0.56 33.21
C ARG C 41 26.74 -1.46 31.97
N SER C 42 25.65 -1.28 31.23
CA SER C 42 25.37 -2.07 30.05
C SER C 42 25.35 -1.33 28.73
N PRO C 43 25.87 -1.94 27.66
CA PRO C 43 25.84 -1.24 26.36
C PRO C 43 24.35 -1.20 26.00
N VAL C 44 23.98 -0.33 25.07
CA VAL C 44 22.56 -0.24 24.71
C VAL C 44 22.36 0.42 23.37
N ILE C 45 21.22 0.11 22.76
CA ILE C 45 20.86 0.67 21.47
C ILE C 45 19.58 1.46 21.62
N LEU C 46 19.60 2.71 21.16
CA LEU C 46 18.42 3.56 21.21
C LEU C 46 17.75 3.36 19.86
N ALA C 47 16.55 2.79 19.89
CA ALA C 47 15.83 2.52 18.66
C ALA C 47 14.76 3.57 18.39
N LEU C 48 14.76 4.09 17.17
CA LEU C 48 13.80 5.08 16.74
C LEU C 48 13.15 4.63 15.44
N SER C 49 11.87 4.29 15.51
CA SER C 49 11.12 3.88 14.32
C SER C 49 10.76 5.14 13.53
N GLU C 50 10.14 4.93 12.37
CA GLU C 50 9.75 6.06 11.53
C GLU C 50 8.68 6.89 12.22
N GLY C 51 7.90 6.24 13.07
CA GLY C 51 6.85 6.93 13.80
C GLY C 51 7.47 7.85 14.85
N ALA C 52 8.59 7.39 15.42
CA ALA C 52 9.30 8.18 16.41
C ALA C 52 9.92 9.35 15.65
N MET C 53 10.47 9.06 14.48
CA MET C 53 11.09 10.05 13.63
C MET C 53 10.10 11.18 13.32
N LYS C 54 8.85 10.83 13.04
CA LYS C 54 7.87 11.86 12.73
C LYS C 54 7.40 12.58 13.99
N TYR C 55 7.17 11.82 15.05
CA TYR C 55 6.69 12.36 16.31
C TYR C 55 7.76 13.13 17.06
N GLY C 56 8.94 12.53 17.19
CA GLY C 56 10.05 13.16 17.89
C GLY C 56 10.76 14.23 17.10
N GLY C 57 10.86 14.01 15.79
CA GLY C 57 11.51 14.97 14.92
C GLY C 57 12.96 15.30 15.28
N ARG C 58 13.35 16.52 14.97
CA ARG C 58 14.70 17.00 15.23
C ARG C 58 15.03 16.98 16.72
N ALA C 59 14.06 17.29 17.56
CA ALA C 59 14.28 17.30 19.00
C ALA C 59 14.70 15.92 19.55
N LEU C 60 14.04 14.87 19.10
CA LEU C 60 14.35 13.52 19.57
C LEU C 60 15.70 13.03 19.04
N THR C 61 15.95 13.24 17.75
CA THR C 61 17.19 12.79 17.15
C THR C 61 18.38 13.54 17.74
N LEU C 62 18.17 14.82 18.06
CA LEU C 62 19.21 15.62 18.68
C LEU C 62 19.59 14.95 20.01
N MET C 63 18.60 14.73 20.88
CA MET C 63 18.84 14.10 22.18
C MET C 63 19.52 12.73 22.06
N ALA C 64 18.95 11.87 21.22
CA ALA C 64 19.47 10.52 21.03
C ALA C 64 20.96 10.51 20.73
N VAL C 65 21.35 11.25 19.70
CA VAL C 65 22.74 11.30 19.28
C VAL C 65 23.70 11.97 20.27
N GLU C 66 23.38 13.19 20.66
CA GLU C 66 24.23 13.93 21.59
C GLU C 66 24.29 13.31 22.97
N LEU C 67 23.16 12.81 23.48
CA LEU C 67 23.18 12.21 24.81
C LEU C 67 23.93 10.89 24.77
N ALA C 68 24.00 10.26 23.60
CA ALA C 68 24.72 9.00 23.47
C ALA C 68 26.23 9.27 23.60
N LYS C 69 26.68 10.37 23.02
CA LYS C 69 28.09 10.73 23.08
C LYS C 69 28.57 10.92 24.52
N GLU C 70 27.68 11.42 25.38
CA GLU C 70 28.02 11.66 26.78
C GLU C 70 27.81 10.45 27.68
N ALA C 71 27.29 9.36 27.12
CA ALA C 71 27.04 8.17 27.92
C ALA C 71 28.35 7.52 28.35
N ARG C 72 28.36 6.94 29.55
CA ARG C 72 29.53 6.26 30.08
C ARG C 72 29.53 4.81 29.64
N VAL C 73 28.57 4.44 28.81
CA VAL C 73 28.44 3.09 28.28
C VAL C 73 28.30 3.19 26.75
N PRO C 74 28.69 2.14 26.02
CA PRO C 74 28.54 2.23 24.56
C PRO C 74 27.08 2.31 24.12
N VAL C 75 26.79 3.27 23.26
CA VAL C 75 25.44 3.46 22.78
C VAL C 75 25.41 3.63 21.27
N ALA C 76 24.37 3.10 20.64
CA ALA C 76 24.20 3.22 19.21
C ALA C 76 22.80 3.77 18.99
N VAL C 77 22.64 4.63 17.99
CA VAL C 77 21.33 5.19 17.67
C VAL C 77 20.93 4.49 16.39
N HIS C 78 19.81 3.79 16.48
CA HIS C 78 19.33 2.93 15.40
C HIS C 78 17.98 3.28 14.75
N LEU C 79 17.95 3.23 13.42
CA LEU C 79 16.74 3.50 12.65
C LEU C 79 16.00 2.16 12.65
N ASP C 80 14.86 2.11 13.33
CA ASP C 80 14.06 0.90 13.44
C ASP C 80 13.07 0.77 12.27
N HIS C 81 13.16 -0.34 11.55
CA HIS C 81 12.28 -0.60 10.41
C HIS C 81 12.11 0.57 9.45
N GLY C 82 13.18 0.93 8.75
CA GLY C 82 13.07 2.01 7.78
C GLY C 82 12.24 1.45 6.65
N SER C 83 11.39 2.28 6.05
CA SER C 83 10.55 1.80 4.96
C SER C 83 11.01 2.25 3.58
N SER C 84 12.08 3.04 3.51
CA SER C 84 12.57 3.50 2.21
C SER C 84 14.00 4.00 2.28
N TYR C 85 14.60 4.13 1.11
CA TYR C 85 15.97 4.64 0.98
C TYR C 85 16.04 6.06 1.55
N GLU C 86 15.08 6.89 1.17
CA GLU C 86 15.05 8.27 1.65
C GLU C 86 14.96 8.32 3.16
N SER C 87 14.18 7.41 3.74
CA SER C 87 14.03 7.35 5.18
C SER C 87 15.39 7.12 5.80
N VAL C 88 16.17 6.23 5.19
CA VAL C 88 17.50 5.93 5.67
C VAL C 88 18.41 7.15 5.54
N LEU C 89 18.37 7.84 4.41
CA LEU C 89 19.21 9.01 4.24
C LEU C 89 18.92 10.03 5.34
N ARG C 90 17.65 10.20 5.69
CA ARG C 90 17.28 11.14 6.75
C ARG C 90 17.88 10.73 8.10
N ALA C 91 17.97 9.44 8.35
CA ALA C 91 18.55 8.96 9.60
C ALA C 91 20.06 9.13 9.58
N LEU C 92 20.65 8.99 8.40
CA LEU C 92 22.08 9.15 8.24
C LEU C 92 22.43 10.61 8.51
N ARG C 93 21.59 11.52 8.03
CA ARG C 93 21.82 12.94 8.23
C ARG C 93 21.63 13.33 9.69
N ALA C 94 20.75 12.62 10.39
CA ALA C 94 20.50 12.92 11.79
C ALA C 94 21.59 12.35 12.70
N GLY C 95 22.64 11.79 12.10
CA GLY C 95 23.75 11.25 12.88
C GLY C 95 23.64 9.84 13.43
N PHE C 96 22.69 9.06 12.94
CA PHE C 96 22.50 7.69 13.41
C PHE C 96 23.74 6.86 13.10
N THR C 97 24.06 5.91 13.96
CA THR C 97 25.23 5.07 13.74
C THR C 97 24.82 3.64 13.39
N SER C 98 23.51 3.45 13.20
CA SER C 98 22.95 2.16 12.83
C SER C 98 21.62 2.38 12.14
N VAL C 99 21.48 1.82 10.94
CA VAL C 99 20.22 1.98 10.21
C VAL C 99 19.67 0.64 9.74
N MET C 100 18.35 0.56 9.65
CA MET C 100 17.72 -0.67 9.19
C MET C 100 16.68 -0.35 8.14
N ILE C 101 16.72 -1.14 7.07
CA ILE C 101 15.79 -1.02 5.97
C ILE C 101 14.94 -2.30 5.94
N ASP C 102 13.63 -2.16 6.08
CA ASP C 102 12.76 -3.34 6.06
C ASP C 102 12.03 -3.55 4.73
N LYS C 103 12.51 -4.51 3.94
CA LYS C 103 11.89 -4.86 2.66
C LYS C 103 11.63 -6.37 2.68
N SER C 104 11.43 -6.92 3.87
CA SER C 104 11.20 -8.35 4.04
C SER C 104 9.87 -8.80 3.42
N HIS C 105 8.97 -7.85 3.19
CA HIS C 105 7.67 -8.13 2.60
C HIS C 105 7.75 -8.19 1.07
N GLU C 106 8.83 -7.66 0.51
CA GLU C 106 9.01 -7.66 -0.93
C GLU C 106 9.66 -8.97 -1.39
N ASP C 107 9.82 -9.14 -2.70
CA ASP C 107 10.44 -10.35 -3.21
C ASP C 107 11.92 -10.32 -2.89
N PHE C 108 12.56 -11.48 -2.89
CA PHE C 108 13.98 -11.61 -2.57
C PHE C 108 14.90 -10.66 -3.34
N GLU C 109 14.76 -10.58 -4.66
CA GLU C 109 15.62 -9.69 -5.44
C GLU C 109 15.45 -8.23 -5.07
N THR C 110 14.22 -7.82 -4.81
CA THR C 110 13.95 -6.44 -4.44
C THR C 110 14.56 -6.17 -3.06
N ASN C 111 14.43 -7.15 -2.16
CA ASN C 111 14.97 -7.01 -0.82
C ASN C 111 16.49 -6.84 -0.95
N VAL C 112 17.12 -7.71 -1.72
CA VAL C 112 18.56 -7.64 -1.93
C VAL C 112 18.98 -6.29 -2.52
N ARG C 113 18.38 -5.93 -3.64
CA ARG C 113 18.70 -4.66 -4.32
C ARG C 113 18.47 -3.45 -3.41
N GLU C 114 17.33 -3.44 -2.76
CA GLU C 114 16.95 -2.35 -1.86
C GLU C 114 17.89 -2.29 -0.64
N THR C 115 18.17 -3.44 -0.04
CA THR C 115 19.05 -3.50 1.13
C THR C 115 20.49 -3.14 0.75
N ARG C 116 20.97 -3.71 -0.34
CA ARG C 116 22.31 -3.46 -0.82
C ARG C 116 22.53 -1.96 -1.00
N ARG C 117 21.53 -1.27 -1.52
CA ARG C 117 21.62 0.16 -1.75
C ARG C 117 21.80 0.90 -0.41
N VAL C 118 21.07 0.47 0.61
CA VAL C 118 21.18 1.10 1.91
C VAL C 118 22.56 0.84 2.52
N VAL C 119 23.10 -0.35 2.28
CA VAL C 119 24.41 -0.70 2.79
C VAL C 119 25.51 0.19 2.21
N GLU C 120 25.42 0.47 0.91
CA GLU C 120 26.41 1.31 0.26
C GLU C 120 26.40 2.73 0.81
N ALA C 121 25.22 3.32 0.97
CA ALA C 121 25.11 4.66 1.51
C ALA C 121 25.65 4.70 2.94
N ALA C 122 25.14 3.80 3.77
CA ALA C 122 25.50 3.70 5.17
C ALA C 122 27.00 3.51 5.37
N HIS C 123 27.55 2.51 4.72
CA HIS C 123 28.98 2.25 4.85
C HIS C 123 29.81 3.42 4.35
N ALA C 124 29.27 4.19 3.40
CA ALA C 124 30.00 5.32 2.88
C ALA C 124 30.19 6.40 3.95
N VAL C 125 29.34 6.39 4.98
CA VAL C 125 29.46 7.38 6.05
C VAL C 125 29.75 6.72 7.40
N GLY C 126 30.32 5.53 7.37
CA GLY C 126 30.67 4.82 8.60
C GLY C 126 29.54 4.29 9.46
N VAL C 127 28.38 4.04 8.88
CA VAL C 127 27.25 3.53 9.65
C VAL C 127 27.03 2.06 9.30
N THR C 128 26.62 1.26 10.27
CA THR C 128 26.40 -0.16 10.05
C THR C 128 24.92 -0.43 9.84
N VAL C 129 24.58 -1.52 9.15
CA VAL C 129 23.17 -1.78 8.88
C VAL C 129 22.61 -3.15 9.18
N GLU C 130 21.34 -3.13 9.58
CA GLU C 130 20.57 -4.31 9.90
C GLU C 130 19.66 -4.57 8.71
N ALA C 131 19.58 -5.83 8.28
CA ALA C 131 18.71 -6.19 7.17
C ALA C 131 17.75 -7.23 7.73
N GLU C 132 16.63 -7.46 7.03
CA GLU C 132 15.67 -8.44 7.50
C GLU C 132 15.17 -9.38 6.41
N LEU C 133 15.22 -10.67 6.69
CA LEU C 133 14.76 -11.68 5.76
C LEU C 133 13.55 -12.33 6.42
N GLY C 134 12.45 -12.41 5.68
CA GLY C 134 11.25 -13.00 6.24
C GLY C 134 10.90 -14.40 5.77
N ARG C 135 9.73 -14.53 5.14
CA ARG C 135 9.22 -15.79 4.64
C ARG C 135 10.16 -16.54 3.72
N LEU C 136 9.77 -17.77 3.40
CA LEU C 136 10.54 -18.62 2.51
C LEU C 136 10.32 -18.09 1.09
N ALA C 137 11.39 -17.77 0.38
CA ALA C 137 11.28 -17.26 -0.97
C ALA C 137 11.34 -18.43 -1.95
N GLY C 138 12.22 -19.38 -1.67
CA GLY C 138 12.39 -20.54 -2.52
C GLY C 138 13.34 -20.31 -3.67
N ILE C 139 14.24 -19.35 -3.52
CA ILE C 139 15.20 -19.07 -4.60
C ILE C 139 16.14 -20.25 -4.87
N GLU C 140 16.25 -21.16 -3.90
CA GLU C 140 17.11 -22.32 -4.07
C GLU C 140 16.25 -23.58 -4.15
N GLU C 141 15.03 -23.41 -4.67
CA GLU C 141 14.06 -24.48 -4.83
C GLU C 141 13.92 -25.40 -3.63
N HIS C 142 13.55 -24.81 -2.50
CA HIS C 142 13.32 -25.57 -1.27
C HIS C 142 11.81 -25.52 -1.05
N VAL C 143 11.22 -26.66 -0.76
CA VAL C 143 9.77 -26.72 -0.54
C VAL C 143 9.45 -26.74 0.95
N ALA C 144 8.46 -25.92 1.33
CA ALA C 144 8.05 -25.87 2.73
C ALA C 144 7.42 -27.20 3.11
N VAL C 145 7.49 -27.54 4.40
CA VAL C 145 6.92 -28.78 4.87
C VAL C 145 5.64 -28.54 5.67
N ASP C 146 5.41 -27.29 6.05
CA ASP C 146 4.20 -26.95 6.79
C ASP C 146 3.92 -25.44 6.80
N GLU C 147 3.01 -25.03 7.66
CA GLU C 147 2.61 -23.63 7.77
C GLU C 147 3.73 -22.67 8.18
N LYS C 148 4.62 -23.12 9.07
CA LYS C 148 5.70 -22.25 9.50
C LYS C 148 6.96 -22.29 8.66
N ASP C 149 7.36 -23.47 8.18
CA ASP C 149 8.57 -23.56 7.37
C ASP C 149 8.47 -22.64 6.16
N ALA C 150 7.23 -22.29 5.79
CA ALA C 150 6.98 -21.42 4.65
C ALA C 150 6.96 -19.95 5.07
N LEU C 151 6.62 -19.70 6.32
CA LEU C 151 6.55 -18.34 6.84
C LEU C 151 7.81 -17.90 7.57
N LEU C 152 8.67 -18.85 7.92
CA LEU C 152 9.89 -18.53 8.63
C LEU C 152 11.10 -18.46 7.70
N THR C 153 12.17 -17.86 8.20
CA THR C 153 13.40 -17.69 7.44
C THR C 153 14.13 -18.99 7.16
N ASN C 154 14.61 -19.13 5.93
CA ASN C 154 15.34 -20.32 5.52
C ASN C 154 16.84 -20.09 5.64
N PRO C 155 17.54 -20.93 6.40
CA PRO C 155 18.98 -20.80 6.59
C PRO C 155 19.75 -20.44 5.34
N GLU C 156 19.75 -21.33 4.34
CA GLU C 156 20.50 -21.07 3.11
C GLU C 156 20.20 -19.72 2.47
N GLU C 157 18.94 -19.31 2.52
CA GLU C 157 18.58 -18.01 1.93
C GLU C 157 19.15 -16.86 2.76
N ALA C 158 19.18 -17.02 4.07
CA ALA C 158 19.72 -15.99 4.94
C ALA C 158 21.20 -15.78 4.59
N ARG C 159 21.90 -16.90 4.39
CA ARG C 159 23.32 -16.84 4.06
C ARG C 159 23.53 -16.11 2.74
N ILE C 160 22.72 -16.47 1.76
CA ILE C 160 22.81 -15.86 0.43
C ILE C 160 22.48 -14.37 0.48
N PHE C 161 21.52 -14.02 1.34
CA PHE C 161 21.09 -12.64 1.50
C PHE C 161 22.25 -11.78 2.03
N MET C 162 22.95 -12.30 3.03
CA MET C 162 24.06 -11.57 3.64
C MET C 162 25.25 -11.40 2.72
N GLU C 163 25.57 -12.42 1.93
CA GLU C 163 26.69 -12.31 1.03
C GLU C 163 26.37 -11.36 -0.13
N ARG C 164 25.11 -11.32 -0.52
CA ARG C 164 24.71 -10.45 -1.63
C ARG C 164 24.54 -8.98 -1.24
N THR C 165 23.98 -8.75 -0.05
CA THR C 165 23.73 -7.40 0.44
C THR C 165 24.92 -6.75 1.18
N GLY C 166 25.65 -7.57 1.93
CA GLY C 166 26.78 -7.04 2.68
C GLY C 166 26.35 -6.40 3.98
N ALA C 167 25.10 -6.65 4.39
CA ALA C 167 24.57 -6.10 5.62
C ALA C 167 25.46 -6.47 6.82
N ASP C 168 25.24 -5.83 7.96
CA ASP C 168 26.07 -6.09 9.14
C ASP C 168 25.48 -7.04 10.17
N TYR C 169 24.17 -6.93 10.42
CA TYR C 169 23.51 -7.84 11.34
C TYR C 169 22.22 -8.22 10.64
N LEU C 170 21.67 -9.38 10.95
CA LEU C 170 20.45 -9.84 10.29
C LEU C 170 19.30 -10.20 11.18
N ALA C 171 18.13 -9.68 10.84
CA ALA C 171 16.92 -9.99 11.57
C ALA C 171 16.30 -11.17 10.80
N VAL C 172 15.89 -12.21 11.52
CA VAL C 172 15.31 -13.39 10.89
C VAL C 172 14.02 -13.78 11.56
N ALA C 173 13.12 -14.39 10.80
CA ALA C 173 11.83 -14.83 11.31
C ALA C 173 11.98 -16.24 11.89
N ILE C 174 11.70 -16.39 13.18
CA ILE C 174 11.84 -17.70 13.80
C ILE C 174 10.72 -18.06 14.78
N GLY C 175 9.55 -17.46 14.61
CA GLY C 175 8.45 -17.80 15.50
C GLY C 175 7.75 -16.63 16.18
N THR C 176 8.42 -15.50 16.25
CA THR C 176 7.84 -14.32 16.87
C THR C 176 6.66 -13.83 16.04
N SER C 177 5.64 -13.31 16.72
CA SER C 177 4.46 -12.80 16.02
C SER C 177 4.84 -11.49 15.34
N HIS C 178 5.69 -11.58 14.33
CA HIS C 178 6.17 -10.43 13.61
C HIS C 178 6.21 -10.74 12.12
N GLY C 179 6.02 -9.72 11.29
CA GLY C 179 6.06 -9.93 9.86
C GLY C 179 4.97 -10.85 9.34
N ALA C 180 5.32 -11.71 8.40
N ALA C 180 5.35 -11.73 8.40
CA ALA C 180 4.38 -12.63 7.79
CA ALA C 180 4.38 -12.64 7.77
C ALA C 180 3.72 -13.63 8.75
C ALA C 180 3.72 -13.63 8.74
N TYR C 181 4.48 -14.09 9.74
N TYR C 181 4.48 -14.10 9.73
CA TYR C 181 3.98 -15.05 10.71
CA TYR C 181 3.98 -15.06 10.70
C TYR C 181 3.14 -14.41 11.81
C TYR C 181 3.14 -14.40 11.80
N LYS C 182 2.99 -13.07 11.73
CA LYS C 182 2.20 -12.35 12.74
C LYS C 182 0.79 -12.93 12.89
N GLY C 183 0.44 -13.29 14.12
CA GLY C 183 -0.88 -13.86 14.39
C GLY C 183 -1.23 -15.11 13.60
N LYS C 184 -0.24 -15.71 12.95
CA LYS C 184 -0.45 -16.92 12.17
C LYS C 184 -0.32 -18.16 13.06
N GLY C 185 -0.25 -17.93 14.37
CA GLY C 185 -0.12 -19.03 15.30
C GLY C 185 0.15 -18.55 16.71
N ARG C 186 0.89 -19.34 17.47
CA ARG C 186 1.20 -18.97 18.85
C ARG C 186 2.67 -18.59 18.98
N PRO C 187 2.94 -17.44 19.61
CA PRO C 187 4.31 -16.94 19.80
C PRO C 187 5.24 -18.04 20.30
N PHE C 188 6.36 -18.21 19.62
CA PHE C 188 7.33 -19.23 19.99
C PHE C 188 8.65 -18.94 19.28
N ILE C 189 9.63 -19.82 19.45
CA ILE C 189 10.92 -19.65 18.83
C ILE C 189 11.44 -20.97 18.29
N ASP C 190 11.80 -20.97 17.01
CA ASP C 190 12.32 -22.15 16.33
C ASP C 190 13.83 -22.21 16.57
N HIS C 191 14.22 -22.53 17.80
CA HIS C 191 15.63 -22.61 18.17
C HIS C 191 16.45 -23.45 17.19
N ALA C 192 15.83 -24.51 16.68
CA ALA C 192 16.50 -25.38 15.73
C ALA C 192 16.85 -24.59 14.46
N ARG C 193 15.88 -23.85 13.95
CA ARG C 193 16.09 -23.04 12.76
C ARG C 193 17.11 -21.97 13.10
N LEU C 194 16.98 -21.37 14.28
CA LEU C 194 17.89 -20.33 14.74
C LEU C 194 19.34 -20.84 14.67
N GLU C 195 19.57 -22.03 15.22
CA GLU C 195 20.90 -22.62 15.23
C GLU C 195 21.44 -22.86 13.82
N ARG C 196 20.60 -23.38 12.94
CA ARG C 196 21.04 -23.63 11.57
C ARG C 196 21.41 -22.31 10.89
N ILE C 197 20.62 -21.26 11.13
CA ILE C 197 20.89 -19.95 10.55
C ILE C 197 22.22 -19.40 11.09
N ALA C 198 22.36 -19.41 12.42
CA ALA C 198 23.57 -18.93 13.07
C ALA C 198 24.84 -19.66 12.63
N ARG C 199 24.69 -20.91 12.19
CA ARG C 199 25.83 -21.69 11.73
C ARG C 199 26.24 -21.22 10.33
N LEU C 200 25.27 -20.73 9.57
CA LEU C 200 25.56 -20.25 8.22
C LEU C 200 25.85 -18.75 8.17
N VAL C 201 25.34 -18.01 9.15
CA VAL C 201 25.56 -16.57 9.20
C VAL C 201 26.26 -16.18 10.51
N PRO C 202 27.57 -15.92 10.44
CA PRO C 202 28.36 -15.54 11.63
C PRO C 202 28.04 -14.13 12.14
N ALA C 203 27.55 -13.25 11.26
CA ALA C 203 27.19 -11.89 11.64
C ALA C 203 26.14 -11.97 12.74
N PRO C 204 26.12 -10.98 13.64
CA PRO C 204 25.13 -10.98 14.73
C PRO C 204 23.70 -11.00 14.20
N LEU C 205 22.83 -11.71 14.91
CA LEU C 205 21.44 -11.83 14.49
C LEU C 205 20.52 -10.94 15.31
N VAL C 206 19.37 -10.61 14.73
CA VAL C 206 18.40 -9.74 15.39
C VAL C 206 17.04 -10.40 15.54
N LEU C 207 16.41 -10.17 16.70
CA LEU C 207 15.10 -10.71 16.99
C LEU C 207 14.09 -9.58 17.06
N HIS C 208 13.02 -9.68 16.28
CA HIS C 208 11.98 -8.65 16.28
C HIS C 208 10.70 -9.14 16.94
N GLY C 209 9.90 -8.20 17.43
CA GLY C 209 8.64 -8.51 18.07
C GLY C 209 8.67 -9.50 19.21
N ALA C 210 9.65 -9.38 20.11
CA ALA C 210 9.73 -10.31 21.23
C ALA C 210 9.69 -9.63 22.60
N SER C 211 8.67 -8.82 22.85
CA SER C 211 8.54 -8.16 24.14
C SER C 211 7.85 -9.13 25.11
N ALA C 212 8.54 -9.47 26.19
CA ALA C 212 8.04 -10.41 27.20
C ALA C 212 6.61 -10.21 27.65
N VAL C 213 6.18 -8.96 27.78
CA VAL C 213 4.83 -8.62 28.23
C VAL C 213 4.40 -9.54 29.39
N PRO C 214 4.98 -9.32 30.58
CA PRO C 214 4.70 -10.08 31.81
C PRO C 214 3.26 -9.97 32.30
N PRO C 215 2.84 -10.92 33.15
CA PRO C 215 1.48 -10.94 33.71
C PRO C 215 1.25 -9.76 34.65
N GLU C 216 2.22 -9.53 35.53
CA GLU C 216 2.14 -8.43 36.50
C GLU C 216 1.88 -7.09 35.85
N LEU C 217 2.57 -6.82 34.74
CA LEU C 217 2.43 -5.56 34.03
C LEU C 217 1.09 -5.48 33.30
N VAL C 218 0.70 -6.58 32.67
CA VAL C 218 -0.57 -6.61 31.94
C VAL C 218 -1.73 -6.37 32.91
N GLU C 219 -1.63 -6.95 34.10
CA GLU C 219 -2.68 -6.79 35.09
C GLU C 219 -2.66 -5.42 35.75
N ARG C 220 -1.46 -4.86 35.89
CA ARG C 220 -1.35 -3.53 36.48
C ARG C 220 -2.04 -2.57 35.52
N PHE C 221 -1.81 -2.79 34.22
CA PHE C 221 -2.43 -1.97 33.18
C PHE C 221 -3.94 -2.09 33.32
N ARG C 222 -4.43 -3.32 33.45
CA ARG C 222 -5.85 -3.58 33.61
C ARG C 222 -6.39 -2.83 34.82
N ALA C 223 -5.70 -3.00 35.94
CA ALA C 223 -6.09 -2.36 37.20
C ALA C 223 -6.35 -0.85 37.08
N SER C 224 -5.67 -0.20 36.14
CA SER C 224 -5.82 1.23 35.96
C SER C 224 -6.88 1.59 34.92
N GLY C 225 -7.74 0.62 34.61
CA GLY C 225 -8.77 0.86 33.62
C GLY C 225 -8.28 0.48 32.25
N GLY C 226 -7.02 0.08 32.17
CA GLY C 226 -6.46 -0.31 30.88
C GLY C 226 -7.11 -1.59 30.37
N GLU C 227 -7.61 -1.54 29.15
CA GLU C 227 -8.23 -2.70 28.52
C GLU C 227 -7.29 -3.30 27.49
N ILE C 228 -6.96 -4.58 27.66
CA ILE C 228 -6.06 -5.26 26.72
C ILE C 228 -6.40 -6.75 26.65
N GLY C 229 -6.15 -7.34 25.48
CA GLY C 229 -6.44 -8.76 25.30
C GLY C 229 -5.57 -9.68 26.14
N GLU C 230 -5.58 -10.97 25.79
CA GLU C 230 -4.80 -11.96 26.50
C GLU C 230 -3.32 -11.86 26.14
N ALA C 231 -2.48 -11.67 27.15
CA ALA C 231 -1.03 -11.56 26.95
C ALA C 231 -0.55 -12.67 26.03
N ALA C 232 0.56 -12.43 25.35
CA ALA C 232 1.11 -13.42 24.43
C ALA C 232 2.52 -13.05 23.99
N GLY C 233 3.45 -13.01 24.94
CA GLY C 233 4.81 -12.67 24.61
C GLY C 233 5.69 -13.92 24.63
N ILE C 234 6.95 -13.75 24.29
CA ILE C 234 7.89 -14.87 24.30
C ILE C 234 8.37 -15.11 25.73
N HIS C 235 8.72 -16.36 26.04
CA HIS C 235 9.18 -16.70 27.38
C HIS C 235 10.65 -16.37 27.57
N PRO C 236 11.02 -15.93 28.78
CA PRO C 236 12.39 -15.55 29.16
C PRO C 236 13.44 -16.60 28.82
N GLU C 237 13.17 -17.85 29.18
CA GLU C 237 14.11 -18.92 28.93
C GLU C 237 14.36 -19.07 27.43
N ASP C 238 13.34 -18.85 26.63
CA ASP C 238 13.50 -18.94 25.18
C ASP C 238 14.42 -17.83 24.70
N ILE C 239 14.12 -16.61 25.15
CA ILE C 239 14.93 -15.46 24.79
C ILE C 239 16.38 -15.71 25.18
N LYS C 240 16.59 -16.26 26.38
CA LYS C 240 17.94 -16.55 26.84
C LYS C 240 18.62 -17.60 25.96
N LYS C 241 17.83 -18.57 25.49
CA LYS C 241 18.36 -19.62 24.64
C LYS C 241 18.63 -19.07 23.25
N ALA C 242 17.72 -18.21 22.78
CA ALA C 242 17.88 -17.60 21.46
C ALA C 242 19.18 -16.81 21.49
N ILE C 243 19.41 -16.10 22.59
CA ILE C 243 20.61 -15.31 22.75
C ILE C 243 21.82 -16.23 22.69
N SER C 244 21.80 -17.29 23.48
CA SER C 244 22.91 -18.24 23.52
C SER C 244 23.20 -18.81 22.14
N LEU C 245 22.18 -18.87 21.28
CA LEU C 245 22.36 -19.39 19.94
C LEU C 245 22.90 -18.40 18.92
N GLY C 246 22.78 -17.10 19.18
CA GLY C 246 23.32 -16.13 18.23
C GLY C 246 22.63 -14.79 18.19
N ILE C 247 21.50 -14.66 18.87
CA ILE C 247 20.80 -13.39 18.90
C ILE C 247 21.63 -12.40 19.71
N ALA C 248 21.92 -11.25 19.11
CA ALA C 248 22.72 -10.20 19.75
C ALA C 248 21.91 -8.93 20.01
N LYS C 249 20.85 -8.74 19.23
CA LYS C 249 20.01 -7.56 19.36
C LYS C 249 18.56 -7.95 19.59
N ILE C 250 17.99 -7.50 20.70
CA ILE C 250 16.60 -7.80 21.03
C ILE C 250 15.77 -6.50 21.06
N ASN C 251 14.87 -6.36 20.10
CA ASN C 251 14.02 -5.17 20.02
C ASN C 251 12.96 -5.22 21.12
N THR C 252 12.83 -4.10 21.84
CA THR C 252 11.86 -4.00 22.93
C THR C 252 11.11 -2.68 22.83
N ASP C 253 9.79 -2.73 22.86
CA ASP C 253 8.98 -1.52 22.76
C ASP C 253 7.69 -1.57 23.57
N THR C 254 6.80 -2.48 23.19
CA THR C 254 5.52 -2.63 23.86
C THR C 254 5.59 -2.64 25.37
N ASP C 255 6.54 -3.39 25.94
CA ASP C 255 6.67 -3.45 27.39
C ASP C 255 6.89 -2.06 27.98
N LEU C 256 7.60 -1.19 27.25
CA LEU C 256 7.87 0.15 27.72
C LEU C 256 6.61 1.00 27.66
N ARG C 257 5.80 0.81 26.62
CA ARG C 257 4.57 1.57 26.47
C ARG C 257 3.58 1.20 27.57
N LEU C 258 3.41 -0.10 27.79
CA LEU C 258 2.48 -0.58 28.81
C LEU C 258 2.82 0.01 30.16
N ALA C 259 4.05 -0.21 30.61
CA ALA C 259 4.50 0.31 31.88
C ALA C 259 4.27 1.82 31.97
N PHE C 260 4.70 2.55 30.95
CA PHE C 260 4.55 4.00 30.93
C PHE C 260 3.09 4.46 31.06
N THR C 261 2.21 3.89 30.22
CA THR C 261 0.80 4.24 30.24
C THR C 261 0.12 3.79 31.54
N ALA C 262 0.56 2.66 32.07
CA ALA C 262 0.00 2.13 33.30
C ALA C 262 0.14 3.13 34.43
N LEU C 263 1.36 3.60 34.67
CA LEU C 263 1.58 4.56 35.73
C LEU C 263 0.86 5.87 35.48
N ILE C 264 0.78 6.29 34.21
CA ILE C 264 0.10 7.53 33.92
C ILE C 264 -1.35 7.43 34.38
N ARG C 265 -2.00 6.31 34.08
CA ARG C 265 -3.39 6.11 34.51
C ARG C 265 -3.53 6.13 36.03
N GLU C 266 -2.70 5.36 36.72
CA GLU C 266 -2.74 5.31 38.17
C GLU C 266 -2.64 6.71 38.77
N ALA C 267 -1.62 7.44 38.32
CA ALA C 267 -1.38 8.80 38.82
C ALA C 267 -2.59 9.70 38.58
N LEU C 268 -3.13 9.67 37.37
CA LEU C 268 -4.28 10.51 37.05
C LEU C 268 -5.57 10.09 37.77
N ASN C 269 -5.76 8.80 37.98
CA ASN C 269 -6.95 8.32 38.67
C ASN C 269 -6.98 8.83 40.10
N LYS C 270 -6.01 8.40 40.90
CA LYS C 270 -5.92 8.77 42.31
C LYS C 270 -5.65 10.25 42.59
N ASN C 271 -5.46 11.06 41.55
CA ASN C 271 -5.18 12.48 41.74
C ASN C 271 -5.85 13.37 40.71
N PRO C 272 -7.19 13.43 40.74
CA PRO C 272 -7.96 14.26 39.79
C PRO C 272 -7.57 15.74 39.74
N LYS C 273 -6.97 16.27 40.80
CA LYS C 273 -6.59 17.67 40.80
C LYS C 273 -5.11 17.91 40.50
N GLU C 274 -4.48 16.92 39.87
CA GLU C 274 -3.07 17.01 39.52
C GLU C 274 -2.91 17.33 38.03
N PHE C 275 -2.44 18.53 37.71
CA PHE C 275 -2.24 18.88 36.31
C PHE C 275 -0.81 19.31 36.00
N ASP C 276 0.12 18.93 36.88
CA ASP C 276 1.54 19.20 36.69
C ASP C 276 2.09 17.95 36.01
N PRO C 277 2.30 18.00 34.69
CA PRO C 277 2.82 16.86 33.92
C PRO C 277 3.93 16.06 34.58
N ARG C 278 4.82 16.73 35.28
CA ARG C 278 5.93 16.07 35.94
C ARG C 278 5.45 15.06 36.98
N LYS C 279 4.40 15.40 37.71
CA LYS C 279 3.87 14.53 38.75
C LYS C 279 3.40 13.16 38.28
N TYR C 280 2.86 13.07 37.06
CA TYR C 280 2.40 11.79 36.57
C TYR C 280 3.33 11.21 35.50
N LEU C 281 4.14 12.05 34.90
CA LEU C 281 5.08 11.59 33.87
C LEU C 281 6.36 11.06 34.50
N GLY C 282 6.76 11.66 35.61
CA GLY C 282 7.97 11.22 36.28
C GLY C 282 7.89 9.77 36.72
N PRO C 283 6.84 9.38 37.46
CA PRO C 283 6.70 8.00 37.90
C PRO C 283 6.69 7.04 36.71
N ALA C 284 6.02 7.46 35.64
CA ALA C 284 5.92 6.67 34.42
C ALA C 284 7.31 6.45 33.82
N ARG C 285 8.11 7.51 33.83
CA ARG C 285 9.47 7.43 33.31
C ARG C 285 10.21 6.38 34.14
N GLU C 286 9.98 6.41 35.45
CA GLU C 286 10.61 5.48 36.37
C GLU C 286 10.24 4.02 36.09
N ALA C 287 8.97 3.80 35.77
CA ALA C 287 8.49 2.44 35.48
C ALA C 287 9.14 1.91 34.21
N VAL C 288 9.34 2.80 33.24
CA VAL C 288 9.97 2.41 31.98
C VAL C 288 11.42 2.04 32.27
N LYS C 289 12.06 2.84 33.10
CA LYS C 289 13.46 2.60 33.46
C LYS C 289 13.64 1.23 34.10
N GLU C 290 12.71 0.85 34.97
CA GLU C 290 12.78 -0.44 35.64
C GLU C 290 12.71 -1.58 34.61
N VAL C 291 11.70 -1.55 33.76
CA VAL C 291 11.55 -2.58 32.73
C VAL C 291 12.84 -2.71 31.94
N VAL C 292 13.39 -1.57 31.52
CA VAL C 292 14.63 -1.59 30.75
C VAL C 292 15.75 -2.26 31.52
N LYS C 293 15.81 -2.01 32.83
CA LYS C 293 16.85 -2.61 33.66
C LYS C 293 16.64 -4.12 33.77
N SER C 294 15.38 -4.55 33.89
CA SER C 294 15.09 -5.98 33.98
C SER C 294 15.38 -6.66 32.65
N ARG C 295 15.04 -6.00 31.55
CA ARG C 295 15.31 -6.57 30.23
C ARG C 295 16.82 -6.76 30.09
N MET C 296 17.59 -5.76 30.51
CA MET C 296 19.05 -5.85 30.42
C MET C 296 19.52 -7.01 31.28
N GLU C 297 18.83 -7.24 32.39
CA GLU C 297 19.14 -8.34 33.29
C GLU C 297 19.01 -9.66 32.53
N LEU C 298 17.85 -9.83 31.90
CA LEU C 298 17.56 -11.03 31.11
C LEU C 298 18.56 -11.26 29.98
N PHE C 299 18.79 -10.22 29.18
CA PHE C 299 19.68 -10.35 28.03
C PHE C 299 21.13 -10.65 28.41
N GLY C 300 21.45 -10.49 29.69
CA GLY C 300 22.80 -10.76 30.16
C GLY C 300 23.82 -9.69 29.85
N SER C 301 23.38 -8.45 29.67
CA SER C 301 24.29 -7.35 29.33
C SER C 301 24.83 -6.56 30.54
N VAL C 302 24.32 -6.84 31.73
CA VAL C 302 24.78 -6.14 32.93
C VAL C 302 26.29 -6.23 33.10
N GLY C 303 26.93 -5.08 33.33
CA GLY C 303 28.37 -5.07 33.52
C GLY C 303 29.20 -5.34 32.28
N ARG C 304 28.55 -5.45 31.13
CA ARG C 304 29.26 -5.70 29.89
C ARG C 304 29.95 -4.46 29.34
N ALA C 305 29.58 -3.30 29.87
CA ALA C 305 30.20 -2.05 29.42
C ALA C 305 31.57 -1.90 30.07
N MET D 1 16.65 32.51 15.64
CA MET D 1 17.91 31.97 16.22
C MET D 1 18.02 32.29 17.71
N LEU D 2 19.09 31.83 18.34
CA LEU D 2 19.29 32.05 19.77
C LEU D 2 19.88 33.43 20.06
N VAL D 3 19.17 34.19 20.89
CA VAL D 3 19.61 35.53 21.26
C VAL D 3 19.40 35.77 22.76
N THR D 4 19.91 36.89 23.28
CA THR D 4 19.75 37.17 24.70
C THR D 4 18.32 37.64 24.97
N GLY D 5 17.94 37.63 26.24
CA GLY D 5 16.62 38.09 26.61
C GLY D 5 16.49 39.59 26.36
N LEU D 6 17.54 40.34 26.68
CA LEU D 6 17.48 41.80 26.49
C LEU D 6 17.18 42.15 25.04
N GLU D 7 17.95 41.57 24.12
CA GLU D 7 17.75 41.86 22.71
C GLU D 7 16.26 41.75 22.35
N ILE D 8 15.60 40.74 22.90
CA ILE D 8 14.19 40.51 22.61
C ILE D 8 13.25 41.45 23.38
N LEU D 9 13.50 41.62 24.67
CA LEU D 9 12.65 42.45 25.50
C LEU D 9 12.81 43.94 25.24
N LYS D 10 14.01 44.36 24.85
CA LYS D 10 14.27 45.76 24.55
C LYS D 10 13.43 46.16 23.33
N LYS D 11 13.42 45.29 22.33
CA LYS D 11 12.66 45.54 21.11
C LYS D 11 11.17 45.55 21.47
N ALA D 12 10.75 44.59 22.27
CA ALA D 12 9.36 44.48 22.67
C ALA D 12 8.80 45.76 23.30
N ARG D 13 9.41 46.25 24.37
CA ARG D 13 8.88 47.46 25.00
C ARG D 13 8.95 48.64 24.04
N GLU D 14 10.06 48.74 23.34
CA GLU D 14 10.28 49.81 22.39
C GLU D 14 9.10 49.90 21.41
N GLU D 15 8.64 48.73 20.96
CA GLU D 15 7.56 48.64 19.98
C GLU D 15 6.16 48.41 20.51
N GLY D 16 5.99 48.34 21.82
CA GLY D 16 4.66 48.17 22.37
C GLY D 16 4.01 46.79 22.36
N TYR D 17 4.80 45.73 22.45
CA TYR D 17 4.22 44.40 22.50
C TYR D 17 4.92 43.58 23.57
N GLY D 18 4.31 42.47 23.97
CA GLY D 18 4.93 41.64 24.98
C GLY D 18 5.33 40.29 24.45
N VAL D 19 6.37 39.70 25.02
CA VAL D 19 6.82 38.38 24.60
C VAL D 19 6.51 37.40 25.72
N GLY D 20 5.96 36.24 25.36
CA GLY D 20 5.63 35.27 26.38
C GLY D 20 6.84 34.43 26.78
N ALA D 21 7.03 34.27 28.09
CA ALA D 21 8.12 33.42 28.58
C ALA D 21 7.38 32.15 28.97
N PHE D 22 7.36 31.18 28.08
CA PHE D 22 6.64 29.93 28.34
C PHE D 22 7.47 28.83 29.00
N ASN D 23 7.03 28.39 30.17
CA ASN D 23 7.71 27.32 30.88
C ASN D 23 7.51 25.98 30.20
N VAL D 24 8.60 25.23 30.05
CA VAL D 24 8.56 23.92 29.44
C VAL D 24 9.35 22.95 30.32
N ASN D 25 8.95 21.68 30.34
CA ASN D 25 9.63 20.68 31.15
C ASN D 25 10.07 19.44 30.37
N ASN D 26 9.62 19.31 29.13
CA ASN D 26 10.01 18.16 28.31
C ASN D 26 9.92 18.43 26.79
N MET D 27 10.13 17.39 26.01
CA MET D 27 10.12 17.53 24.54
C MET D 27 8.86 18.12 23.93
N GLU D 28 7.71 17.49 24.14
CA GLU D 28 6.50 18.00 23.52
C GLU D 28 6.13 19.44 23.89
N PHE D 29 6.41 19.86 25.13
CA PHE D 29 6.10 21.24 25.53
C PHE D 29 7.02 22.18 24.76
N LEU D 30 8.27 21.78 24.65
CA LEU D 30 9.25 22.58 23.95
C LEU D 30 8.89 22.65 22.45
N GLN D 31 8.47 21.52 21.88
CA GLN D 31 8.10 21.49 20.47
C GLN D 31 6.91 22.41 20.22
N ALA D 32 5.90 22.31 21.08
CA ALA D 32 4.68 23.10 20.98
C ALA D 32 4.94 24.60 21.01
N VAL D 33 5.83 25.02 21.89
CA VAL D 33 6.13 26.44 22.01
C VAL D 33 6.90 26.99 20.82
N LEU D 34 7.87 26.22 20.32
CA LEU D 34 8.67 26.65 19.18
C LEU D 34 7.81 26.64 17.90
N GLU D 35 6.96 25.63 17.77
CA GLU D 35 6.08 25.51 16.62
C GLU D 35 5.12 26.71 16.58
N ALA D 36 4.57 27.04 17.74
CA ALA D 36 3.66 28.18 17.85
C ALA D 36 4.40 29.45 17.46
N ALA D 37 5.63 29.57 17.94
CA ALA D 37 6.43 30.75 17.63
C ALA D 37 6.66 30.89 16.13
N GLU D 38 6.92 29.76 15.48
CA GLU D 38 7.16 29.74 14.04
C GLU D 38 5.90 30.09 13.27
N GLU D 39 4.78 29.47 13.62
CA GLU D 39 3.53 29.73 12.91
C GLU D 39 3.00 31.13 13.15
N GLN D 40 3.40 31.75 14.25
CA GLN D 40 2.94 33.11 14.56
C GLN D 40 4.03 34.10 14.18
N ARG D 41 5.14 33.61 13.66
CA ARG D 41 6.24 34.48 13.27
C ARG D 41 6.52 35.44 14.42
N SER D 42 6.59 34.89 15.63
CA SER D 42 6.78 35.66 16.84
C SER D 42 8.00 35.33 17.69
N PRO D 43 8.66 36.36 18.23
CA PRO D 43 9.83 36.08 19.06
C PRO D 43 9.27 35.33 20.28
N VAL D 44 10.12 34.61 20.98
CA VAL D 44 9.65 33.86 22.14
C VAL D 44 10.77 33.52 23.10
N ILE D 45 10.40 33.30 24.36
CA ILE D 45 11.35 32.95 25.38
C ILE D 45 11.00 31.60 25.97
N LEU D 46 11.94 30.66 25.92
CA LEU D 46 11.74 29.34 26.48
C LEU D 46 12.15 29.47 27.93
N ALA D 47 11.21 29.26 28.84
CA ALA D 47 11.46 29.37 30.26
C ALA D 47 11.62 28.03 30.95
N LEU D 48 12.71 27.88 31.70
CA LEU D 48 12.97 26.67 32.46
C LEU D 48 13.20 27.01 33.92
N SER D 49 12.31 26.55 34.79
CA SER D 49 12.44 26.78 36.22
C SER D 49 13.43 25.76 36.76
N GLU D 50 13.70 25.81 38.05
CA GLU D 50 14.61 24.86 38.64
C GLU D 50 13.99 23.47 38.66
N GLY D 51 12.67 23.41 38.73
CA GLY D 51 11.97 22.14 38.71
C GLY D 51 12.15 21.47 37.36
N ALA D 52 12.10 22.26 36.29
CA ALA D 52 12.27 21.71 34.95
C ALA D 52 13.72 21.28 34.81
N MET D 53 14.62 22.09 35.34
CA MET D 53 16.05 21.81 35.28
C MET D 53 16.36 20.43 35.89
N LYS D 54 15.71 20.14 37.00
CA LYS D 54 15.91 18.88 37.72
C LYS D 54 15.20 17.73 37.01
N TYR D 55 14.00 17.99 36.52
CA TYR D 55 13.20 16.98 35.83
C TYR D 55 13.69 16.74 34.41
N GLY D 56 14.01 17.83 33.72
CA GLY D 56 14.47 17.74 32.35
C GLY D 56 15.96 17.54 32.19
N GLY D 57 16.72 18.04 33.17
CA GLY D 57 18.16 17.90 33.12
C GLY D 57 18.82 18.22 31.79
N ARG D 58 19.96 17.59 31.55
CA ARG D 58 20.72 17.78 30.33
C ARG D 58 19.89 17.59 29.06
N ALA D 59 18.95 16.65 29.08
CA ALA D 59 18.12 16.43 27.90
C ALA D 59 17.33 17.69 27.55
N LEU D 60 16.67 18.27 28.55
CA LEU D 60 15.88 19.48 28.35
C LEU D 60 16.73 20.69 27.89
N THR D 61 17.78 21.02 28.65
CA THR D 61 18.63 22.16 28.31
C THR D 61 19.28 22.00 26.94
N LEU D 62 19.64 20.77 26.60
CA LEU D 62 20.24 20.48 25.29
C LEU D 62 19.26 20.92 24.20
N MET D 63 18.02 20.42 24.29
CA MET D 63 16.98 20.75 23.31
C MET D 63 16.68 22.25 23.24
N ALA D 64 16.43 22.83 24.40
CA ALA D 64 16.10 24.24 24.47
C ALA D 64 17.14 25.11 23.76
N VAL D 65 18.41 24.91 24.10
CA VAL D 65 19.47 25.70 23.49
C VAL D 65 19.74 25.44 22.03
N GLU D 66 19.85 24.17 21.65
CA GLU D 66 20.16 23.84 20.26
C GLU D 66 18.99 24.07 19.30
N LEU D 67 17.76 23.81 19.75
CA LEU D 67 16.61 24.02 18.88
C LEU D 67 16.38 25.51 18.68
N ALA D 68 16.78 26.32 19.66
CA ALA D 68 16.63 27.76 19.57
C ALA D 68 17.52 28.33 18.46
N LYS D 69 18.73 27.79 18.32
CA LYS D 69 19.65 28.23 17.30
C LYS D 69 19.11 28.02 15.88
N GLU D 70 18.26 27.03 15.73
CA GLU D 70 17.67 26.70 14.43
C GLU D 70 16.32 27.32 14.18
N ALA D 71 15.77 28.00 15.17
CA ALA D 71 14.46 28.64 15.04
C ALA D 71 14.56 29.81 14.06
N ARG D 72 13.53 30.00 13.24
CA ARG D 72 13.55 31.09 12.28
C ARG D 72 13.02 32.39 12.88
N VAL D 73 12.79 32.36 14.19
CA VAL D 73 12.33 33.51 14.95
C VAL D 73 13.33 33.69 16.11
N PRO D 74 13.43 34.91 16.67
CA PRO D 74 14.37 35.06 17.78
C PRO D 74 13.89 34.35 19.04
N VAL D 75 14.79 33.57 19.64
CA VAL D 75 14.49 32.81 20.84
C VAL D 75 15.58 32.99 21.89
N ALA D 76 15.17 33.12 23.14
CA ALA D 76 16.09 33.26 24.25
C ALA D 76 15.76 32.11 25.21
N VAL D 77 16.80 31.51 25.80
CA VAL D 77 16.59 30.43 26.75
C VAL D 77 16.81 31.07 28.12
N HIS D 78 15.79 30.99 28.96
CA HIS D 78 15.79 31.67 30.24
C HIS D 78 15.59 30.83 31.50
N LEU D 79 16.38 31.14 32.54
CA LEU D 79 16.27 30.45 33.81
C LEU D 79 15.15 31.16 34.57
N ASP D 80 14.07 30.44 34.88
CA ASP D 80 12.93 31.04 35.59
C ASP D 80 12.99 30.83 37.10
N HIS D 81 13.00 31.95 37.83
CA HIS D 81 13.06 31.96 39.29
C HIS D 81 14.20 31.13 39.93
N GLY D 82 15.44 31.45 39.59
CA GLY D 82 16.54 30.73 40.18
C GLY D 82 16.54 31.08 41.66
N SER D 83 17.03 30.18 42.51
CA SER D 83 17.05 30.46 43.94
C SER D 83 18.44 30.52 44.55
N SER D 84 19.47 30.36 43.71
CA SER D 84 20.82 30.43 44.23
C SER D 84 21.80 30.83 43.16
N TYR D 85 22.97 31.29 43.59
CA TYR D 85 24.02 31.70 42.67
C TYR D 85 24.48 30.45 41.91
N GLU D 86 24.50 29.32 42.60
CA GLU D 86 24.93 28.07 41.98
C GLU D 86 23.96 27.66 40.89
N SER D 87 22.67 27.83 41.16
CA SER D 87 21.64 27.49 40.20
C SER D 87 21.93 28.28 38.94
N VAL D 88 22.19 29.58 39.09
CA VAL D 88 22.50 30.44 37.96
C VAL D 88 23.78 29.99 37.24
N LEU D 89 24.80 29.58 37.99
CA LEU D 89 26.03 29.12 37.35
C LEU D 89 25.69 27.92 36.44
N ARG D 90 24.86 27.02 36.96
CA ARG D 90 24.48 25.85 36.19
C ARG D 90 23.72 26.23 34.92
N ALA D 91 22.85 27.23 35.01
CA ALA D 91 22.11 27.66 33.83
C ALA D 91 23.07 28.29 32.82
N LEU D 92 24.08 28.98 33.33
CA LEU D 92 25.08 29.63 32.50
C LEU D 92 25.88 28.55 31.78
N ARG D 93 26.18 27.48 32.51
CA ARG D 93 26.92 26.36 31.94
C ARG D 93 26.09 25.63 30.89
N ALA D 94 24.77 25.58 31.08
CA ALA D 94 23.90 24.90 30.14
C ALA D 94 23.62 25.71 28.88
N GLY D 95 24.30 26.84 28.74
CA GLY D 95 24.14 27.67 27.55
C GLY D 95 23.00 28.68 27.49
N PHE D 96 22.35 28.96 28.62
CA PHE D 96 21.25 29.91 28.65
C PHE D 96 21.67 31.32 28.20
N THR D 97 20.70 32.09 27.73
CA THR D 97 21.00 33.44 27.28
C THR D 97 20.25 34.46 28.12
N SER D 98 19.64 33.95 29.19
CA SER D 98 18.88 34.80 30.09
C SER D 98 18.76 34.07 31.42
N VAL D 99 19.12 34.74 32.52
CA VAL D 99 19.03 34.13 33.83
C VAL D 99 18.34 35.04 34.83
N MET D 100 17.74 34.43 35.83
CA MET D 100 17.04 35.19 36.84
C MET D 100 17.15 34.51 38.20
N ILE D 101 17.45 35.30 39.22
CA ILE D 101 17.50 34.78 40.58
C ILE D 101 16.44 35.53 41.36
N ASP D 102 15.70 34.82 42.20
CA ASP D 102 14.64 35.44 42.97
C ASP D 102 14.99 35.54 44.46
N LYS D 103 15.19 36.77 44.92
CA LYS D 103 15.50 37.01 46.32
C LYS D 103 14.63 38.15 46.82
N SER D 104 13.46 38.28 46.19
CA SER D 104 12.50 39.31 46.53
C SER D 104 11.90 39.09 47.92
N HIS D 105 12.17 37.92 48.50
CA HIS D 105 11.67 37.61 49.83
C HIS D 105 12.70 38.00 50.89
N GLU D 106 13.91 38.34 50.43
CA GLU D 106 14.98 38.74 51.32
C GLU D 106 14.88 40.26 51.48
N ASP D 107 15.64 40.84 52.40
CA ASP D 107 15.58 42.28 52.58
C ASP D 107 16.30 42.93 51.41
N PHE D 108 16.03 44.22 51.20
CA PHE D 108 16.60 44.97 50.10
C PHE D 108 18.11 44.89 49.87
N GLU D 109 18.90 44.97 50.93
CA GLU D 109 20.35 44.91 50.76
C GLU D 109 20.80 43.51 50.32
N THR D 110 20.04 42.50 50.72
CA THR D 110 20.37 41.13 50.37
C THR D 110 19.97 40.85 48.93
N ASN D 111 18.82 41.39 48.53
CA ASN D 111 18.34 41.22 47.17
C ASN D 111 19.39 41.85 46.24
N VAL D 112 19.75 43.09 46.53
CA VAL D 112 20.73 43.81 45.75
C VAL D 112 22.06 43.07 45.66
N ARG D 113 22.60 42.66 46.80
CA ARG D 113 23.87 41.96 46.81
C ARG D 113 23.81 40.66 46.03
N GLU D 114 22.74 39.90 46.25
CA GLU D 114 22.56 38.61 45.60
C GLU D 114 22.35 38.78 44.08
N THR D 115 21.51 39.75 43.70
CA THR D 115 21.23 40.02 42.29
C THR D 115 22.46 40.53 41.54
N ARG D 116 23.17 41.48 42.15
CA ARG D 116 24.35 42.06 41.52
C ARG D 116 25.42 41.00 41.22
N ARG D 117 25.56 40.02 42.11
CA ARG D 117 26.55 38.96 41.91
C ARG D 117 26.16 38.15 40.66
N VAL D 118 24.86 37.92 40.49
CA VAL D 118 24.37 37.18 39.35
C VAL D 118 24.57 38.00 38.08
N VAL D 119 24.30 39.30 38.17
CA VAL D 119 24.46 40.18 37.03
C VAL D 119 25.92 40.15 36.56
N GLU D 120 26.84 40.25 37.52
CA GLU D 120 28.26 40.21 37.22
C GLU D 120 28.68 38.92 36.54
N ALA D 121 28.18 37.79 37.03
CA ALA D 121 28.53 36.50 36.46
C ALA D 121 27.95 36.35 35.05
N ALA D 122 26.69 36.73 34.87
CA ALA D 122 26.00 36.63 33.59
C ALA D 122 26.63 37.52 32.52
N HIS D 123 26.75 38.81 32.83
CA HIS D 123 27.34 39.76 31.89
C HIS D 123 28.77 39.37 31.53
N ALA D 124 29.45 38.65 32.41
CA ALA D 124 30.81 38.19 32.15
C ALA D 124 30.79 37.18 30.99
N VAL D 125 29.64 36.54 30.80
CA VAL D 125 29.51 35.56 29.72
C VAL D 125 28.47 35.94 28.67
N GLY D 126 28.25 37.24 28.52
CA GLY D 126 27.31 37.74 27.51
C GLY D 126 25.85 37.38 27.71
N VAL D 127 25.47 37.08 28.95
CA VAL D 127 24.09 36.72 29.27
C VAL D 127 23.40 37.86 30.02
N THR D 128 22.16 38.15 29.66
CA THR D 128 21.41 39.22 30.31
C THR D 128 20.60 38.63 31.46
N VAL D 129 20.21 39.47 32.42
CA VAL D 129 19.47 38.96 33.57
C VAL D 129 18.23 39.71 34.02
N GLU D 130 17.29 38.92 34.56
CA GLU D 130 16.03 39.43 35.06
C GLU D 130 16.15 39.48 36.57
N ALA D 131 15.66 40.55 37.17
CA ALA D 131 15.70 40.70 38.62
C ALA D 131 14.28 40.85 39.12
N GLU D 132 14.06 40.68 40.42
CA GLU D 132 12.72 40.83 40.94
C GLU D 132 12.65 41.55 42.27
N LEU D 133 11.86 42.61 42.31
CA LEU D 133 11.65 43.39 43.52
C LEU D 133 10.19 43.16 43.89
N GLY D 134 9.95 42.79 45.15
CA GLY D 134 8.59 42.54 45.60
C GLY D 134 7.97 43.70 46.36
N ARG D 135 7.75 43.47 47.65
CA ARG D 135 7.13 44.46 48.52
C ARG D 135 7.95 45.72 48.80
N LEU D 136 7.31 46.67 49.47
CA LEU D 136 7.94 47.93 49.85
C LEU D 136 9.04 47.61 50.87
N ALA D 137 10.29 47.87 50.50
CA ALA D 137 11.41 47.63 51.42
C ALA D 137 11.51 48.78 52.41
N GLY D 138 10.97 49.93 52.03
CA GLY D 138 10.99 51.09 52.90
C GLY D 138 12.36 51.71 53.11
N ILE D 139 13.12 51.88 52.02
CA ILE D 139 14.46 52.47 52.12
C ILE D 139 14.48 53.97 51.90
N GLU D 140 13.46 54.51 51.23
CA GLU D 140 13.42 55.94 50.96
C GLU D 140 12.32 56.67 51.75
N GLU D 141 11.89 56.06 52.85
CA GLU D 141 10.88 56.67 53.71
C GLU D 141 9.53 57.01 53.11
N HIS D 142 9.00 56.12 52.28
CA HIS D 142 7.68 56.32 51.71
C HIS D 142 6.78 55.56 52.69
N VAL D 143 5.61 56.12 53.01
CA VAL D 143 4.70 55.45 53.93
C VAL D 143 3.58 54.78 53.16
N ALA D 144 3.46 53.46 53.32
CA ALA D 144 2.42 52.70 52.62
C ALA D 144 1.04 53.22 53.02
N VAL D 145 0.30 53.73 52.03
CA VAL D 145 -1.03 54.29 52.26
C VAL D 145 -2.10 53.24 52.56
N ASP D 146 -1.81 52.00 52.24
CA ASP D 146 -2.76 50.92 52.50
C ASP D 146 -2.06 49.59 52.34
N GLU D 147 -2.79 48.50 52.53
CA GLU D 147 -2.20 47.16 52.45
C GLU D 147 -1.47 46.90 51.14
N LYS D 148 -2.15 47.16 50.03
CA LYS D 148 -1.56 46.93 48.72
C LYS D 148 -0.26 47.67 48.50
N ASP D 149 -0.20 48.92 48.96
CA ASP D 149 0.99 49.73 48.78
C ASP D 149 2.18 49.19 49.56
N ALA D 150 1.92 48.38 50.58
CA ALA D 150 2.99 47.80 51.37
C ALA D 150 3.45 46.48 50.76
N LEU D 151 2.56 45.84 50.00
CA LEU D 151 2.87 44.57 49.38
C LEU D 151 3.38 44.66 47.94
N LEU D 152 3.00 45.73 47.24
CA LEU D 152 3.41 45.90 45.86
C LEU D 152 4.70 46.70 45.71
N THR D 153 5.29 46.66 44.53
CA THR D 153 6.54 47.34 44.26
C THR D 153 6.47 48.85 44.26
N ASN D 154 7.46 49.50 44.89
CA ASN D 154 7.54 50.95 44.94
C ASN D 154 8.41 51.43 43.77
N PRO D 155 7.90 52.37 42.97
CA PRO D 155 8.62 52.92 41.82
C PRO D 155 10.04 53.39 42.12
N GLU D 156 10.17 54.26 43.11
CA GLU D 156 11.47 54.79 43.49
C GLU D 156 12.44 53.71 43.93
N GLU D 157 11.93 52.68 44.60
CA GLU D 157 12.77 51.58 45.05
C GLU D 157 13.19 50.73 43.83
N ALA D 158 12.29 50.64 42.86
CA ALA D 158 12.57 49.89 41.65
C ALA D 158 13.74 50.57 40.95
N ARG D 159 13.69 51.88 40.83
CA ARG D 159 14.77 52.63 40.19
C ARG D 159 16.10 52.39 40.90
N ILE D 160 16.11 52.54 42.23
CA ILE D 160 17.30 52.35 43.04
C ILE D 160 17.84 50.93 42.87
N PHE D 161 16.93 49.97 42.90
CA PHE D 161 17.29 48.56 42.76
C PHE D 161 18.01 48.29 41.43
N MET D 162 17.44 48.76 40.34
CA MET D 162 18.04 48.56 39.02
C MET D 162 19.40 49.23 38.90
N GLU D 163 19.53 50.44 39.42
CA GLU D 163 20.79 51.16 39.36
C GLU D 163 21.86 50.46 40.18
N ARG D 164 21.46 49.93 41.33
CA ARG D 164 22.40 49.24 42.20
C ARG D 164 22.80 47.86 41.69
N THR D 165 21.85 47.12 41.11
CA THR D 165 22.13 45.78 40.61
C THR D 165 22.69 45.69 39.20
N GLY D 166 22.23 46.59 38.32
CA GLY D 166 22.71 46.54 36.95
C GLY D 166 21.94 45.51 36.13
N ALA D 167 20.85 45.00 36.69
CA ALA D 167 20.01 44.00 36.03
C ALA D 167 19.49 44.58 34.71
N ASP D 168 19.17 43.70 33.76
CA ASP D 168 18.70 44.12 32.45
C ASP D 168 17.19 44.34 32.31
N TYR D 169 16.39 43.53 32.98
CA TYR D 169 14.94 43.69 32.95
C TYR D 169 14.43 43.40 34.35
N LEU D 170 13.27 43.96 34.70
CA LEU D 170 12.73 43.82 36.06
C LEU D 170 11.30 43.31 36.23
N ALA D 171 11.14 42.29 37.06
CA ALA D 171 9.84 41.74 37.37
C ALA D 171 9.32 42.63 38.51
N VAL D 172 8.09 43.13 38.38
CA VAL D 172 7.52 43.98 39.40
C VAL D 172 6.19 43.47 39.95
N ALA D 173 5.96 43.68 41.24
CA ALA D 173 4.71 43.25 41.88
C ALA D 173 3.67 44.34 41.67
N ILE D 174 2.70 44.08 40.81
CA ILE D 174 1.69 45.08 40.54
C ILE D 174 0.26 44.58 40.61
N GLY D 175 0.03 43.49 41.34
CA GLY D 175 -1.33 43.03 41.48
C GLY D 175 -1.62 41.54 41.37
N THR D 176 -0.75 40.79 40.69
CA THR D 176 -0.98 39.36 40.54
C THR D 176 -0.78 38.65 41.88
N SER D 177 -1.40 37.49 42.03
CA SER D 177 -1.25 36.73 43.27
C SER D 177 0.06 35.97 43.15
N HIS D 178 1.15 36.72 43.30
CA HIS D 178 2.49 36.19 43.21
C HIS D 178 3.30 36.85 44.31
N GLY D 179 4.17 36.08 44.95
CA GLY D 179 5.00 36.64 46.01
C GLY D 179 4.19 37.22 47.14
N ALA D 180 4.73 38.25 47.78
CA ALA D 180 4.14 38.91 48.94
C ALA D 180 2.65 39.19 48.86
N TYR D 181 2.11 39.37 47.66
CA TYR D 181 0.69 39.69 47.50
C TYR D 181 -0.22 38.48 47.30
N LYS D 182 0.37 37.29 47.17
CA LYS D 182 -0.43 36.08 46.95
C LYS D 182 -1.41 35.83 48.12
N GLY D 183 -2.68 35.60 47.79
CA GLY D 183 -3.68 35.34 48.81
C GLY D 183 -3.94 36.49 49.77
N LYS D 184 -3.75 37.72 49.30
CA LYS D 184 -3.98 38.91 50.12
C LYS D 184 -5.04 39.78 49.47
N GLY D 185 -5.60 39.28 48.38
CA GLY D 185 -6.63 40.01 47.68
C GLY D 185 -6.81 39.46 46.29
N ARG D 186 -7.89 39.84 45.64
CA ARG D 186 -8.20 39.41 44.29
C ARG D 186 -7.15 39.92 43.31
N PRO D 187 -6.77 39.08 42.33
CA PRO D 187 -5.77 39.44 41.31
C PRO D 187 -6.23 40.62 40.45
N PHE D 188 -5.36 41.61 40.29
CA PHE D 188 -5.68 42.76 39.46
C PHE D 188 -4.36 43.35 38.96
N ILE D 189 -4.44 44.44 38.22
CA ILE D 189 -3.24 45.08 37.72
C ILE D 189 -3.29 46.56 38.06
N ASP D 190 -2.41 46.98 38.97
CA ASP D 190 -2.33 48.37 39.40
C ASP D 190 -1.58 49.17 38.33
N HIS D 191 -2.30 49.47 37.24
CA HIS D 191 -1.75 50.21 36.10
C HIS D 191 -1.10 51.53 36.46
N ALA D 192 -1.73 52.30 37.35
CA ALA D 192 -1.17 53.57 37.76
C ALA D 192 0.22 53.36 38.35
N ARG D 193 0.36 52.30 39.14
CA ARG D 193 1.65 51.99 39.76
C ARG D 193 2.63 51.53 38.67
N LEU D 194 2.14 50.71 37.76
CA LEU D 194 2.93 50.20 36.65
C LEU D 194 3.49 51.37 35.86
N GLU D 195 2.59 52.29 35.53
CA GLU D 195 2.96 53.49 34.78
C GLU D 195 4.09 54.24 35.48
N ARG D 196 3.97 54.44 36.79
CA ARG D 196 4.98 55.17 37.55
C ARG D 196 6.34 54.44 37.51
N ILE D 197 6.31 53.12 37.65
CA ILE D 197 7.54 52.34 37.60
C ILE D 197 8.23 52.48 36.24
N ALA D 198 7.44 52.33 35.17
CA ALA D 198 7.95 52.44 33.80
C ALA D 198 8.58 53.80 33.51
N ARG D 199 8.10 54.83 34.19
CA ARG D 199 8.62 56.17 33.99
C ARG D 199 10.00 56.35 34.64
N LEU D 200 10.27 55.58 35.69
CA LEU D 200 11.57 55.67 36.37
C LEU D 200 12.47 54.51 35.95
N VAL D 201 11.88 53.49 35.34
CA VAL D 201 12.65 52.33 34.90
C VAL D 201 12.41 52.07 33.41
N PRO D 202 13.31 52.57 32.55
CA PRO D 202 13.19 52.38 31.09
C PRO D 202 13.45 50.95 30.64
N ALA D 203 14.08 50.15 31.49
CA ALA D 203 14.37 48.75 31.16
C ALA D 203 13.04 48.01 30.97
N PRO D 204 13.04 46.95 30.15
CA PRO D 204 11.77 46.24 29.96
C PRO D 204 11.28 45.63 31.27
N LEU D 205 9.96 45.69 31.48
CA LEU D 205 9.36 45.16 32.70
C LEU D 205 8.84 43.75 32.53
N VAL D 206 8.85 42.99 33.62
CA VAL D 206 8.42 41.59 33.61
C VAL D 206 7.21 41.37 34.52
N LEU D 207 6.29 40.53 34.06
CA LEU D 207 5.09 40.23 34.82
C LEU D 207 5.01 38.75 35.23
N HIS D 208 4.82 38.51 36.52
CA HIS D 208 4.73 37.14 37.04
C HIS D 208 3.33 36.82 37.54
N GLY D 209 3.03 35.52 37.57
CA GLY D 209 1.74 35.07 38.06
C GLY D 209 0.49 35.55 37.35
N ALA D 210 0.63 36.01 36.11
CA ALA D 210 -0.52 36.48 35.35
C ALA D 210 -0.95 35.42 34.36
N SER D 211 -2.09 34.79 34.64
CA SER D 211 -2.60 33.75 33.75
C SER D 211 -4.00 34.08 33.28
N ALA D 212 -4.20 34.02 31.97
CA ALA D 212 -5.50 34.30 31.41
C ALA D 212 -6.21 32.96 31.27
N VAL D 213 -6.37 32.29 32.41
CA VAL D 213 -7.04 30.98 32.49
C VAL D 213 -8.43 31.00 31.85
N PRO D 214 -8.53 30.62 30.57
CA PRO D 214 -9.85 30.62 29.91
C PRO D 214 -10.83 29.67 30.59
N PRO D 215 -12.01 30.18 30.97
CA PRO D 215 -13.01 29.33 31.62
C PRO D 215 -13.30 28.05 30.83
N GLU D 216 -13.41 28.19 29.51
CA GLU D 216 -13.70 27.04 28.67
C GLU D 216 -12.63 25.97 28.81
N LEU D 217 -11.47 26.35 29.34
CA LEU D 217 -10.38 25.40 29.54
C LEU D 217 -10.56 24.71 30.88
N VAL D 218 -10.84 25.49 31.91
CA VAL D 218 -11.06 24.92 33.24
C VAL D 218 -12.23 23.95 33.19
N GLU D 219 -13.27 24.34 32.46
CA GLU D 219 -14.46 23.49 32.33
C GLU D 219 -14.02 22.17 31.69
N ARG D 220 -13.27 22.28 30.59
CA ARG D 220 -12.78 21.11 29.87
C ARG D 220 -11.99 20.15 30.75
N PHE D 221 -11.27 20.70 31.72
CA PHE D 221 -10.47 19.89 32.64
C PHE D 221 -11.35 19.09 33.58
N ARG D 222 -12.39 19.72 34.11
CA ARG D 222 -13.30 19.02 35.03
C ARG D 222 -14.13 17.99 34.28
N ALA D 223 -14.43 18.30 33.02
CA ALA D 223 -15.21 17.40 32.17
C ALA D 223 -14.42 16.17 31.75
N SER D 224 -13.29 15.93 32.42
CA SER D 224 -12.46 14.78 32.10
C SER D 224 -12.01 14.12 33.38
N GLY D 225 -12.48 14.66 34.51
CA GLY D 225 -12.13 14.10 35.81
C GLY D 225 -11.28 15.03 36.66
N GLY D 226 -10.75 16.07 36.04
CA GLY D 226 -9.91 17.01 36.77
C GLY D 226 -10.67 17.89 37.74
N GLU D 227 -10.04 18.20 38.87
CA GLU D 227 -10.66 19.06 39.88
C GLU D 227 -9.76 20.24 40.21
N ILE D 228 -10.32 21.44 40.11
CA ILE D 228 -9.58 22.66 40.39
C ILE D 228 -10.52 23.76 40.88
N GLY D 229 -10.02 24.60 41.77
CA GLY D 229 -10.83 25.68 42.32
C GLY D 229 -11.33 26.71 41.33
N GLU D 230 -11.72 27.87 41.85
CA GLU D 230 -12.22 28.95 41.02
C GLU D 230 -11.06 29.87 40.64
N ALA D 231 -10.13 29.34 39.85
CA ALA D 231 -8.97 30.09 39.41
C ALA D 231 -9.33 31.51 38.98
N ALA D 232 -8.65 32.49 39.55
CA ALA D 232 -8.91 33.89 39.21
C ALA D 232 -8.33 34.24 37.85
N GLY D 233 -7.04 34.59 37.82
CA GLY D 233 -6.40 34.95 36.57
C GLY D 233 -6.66 36.39 36.19
N ILE D 234 -5.75 36.99 35.43
CA ILE D 234 -5.88 38.38 35.01
C ILE D 234 -6.70 38.51 33.73
N HIS D 235 -7.55 39.54 33.69
CA HIS D 235 -8.39 39.80 32.52
C HIS D 235 -7.54 40.22 31.33
N PRO D 236 -7.71 39.54 30.19
CA PRO D 236 -6.96 39.82 28.95
C PRO D 236 -6.70 41.29 28.68
N GLU D 237 -7.71 42.12 28.88
CA GLU D 237 -7.55 43.54 28.63
C GLU D 237 -6.57 44.18 29.61
N ASP D 238 -6.44 43.61 30.80
CA ASP D 238 -5.50 44.13 31.78
C ASP D 238 -4.09 43.79 31.30
N ILE D 239 -3.95 42.60 30.74
CA ILE D 239 -2.67 42.17 30.21
C ILE D 239 -2.28 43.07 29.05
N LYS D 240 -3.26 43.44 28.22
CA LYS D 240 -3.00 44.31 27.09
C LYS D 240 -2.59 45.71 27.52
N LYS D 241 -3.29 46.26 28.52
CA LYS D 241 -2.96 47.60 29.00
C LYS D 241 -1.60 47.57 29.69
N ALA D 242 -1.33 46.51 30.43
CA ALA D 242 -0.07 46.37 31.14
C ALA D 242 1.11 46.43 30.17
N ILE D 243 0.97 45.77 29.03
CA ILE D 243 2.03 45.75 28.02
C ILE D 243 2.26 47.14 27.44
N SER D 244 1.17 47.85 27.16
CA SER D 244 1.28 49.19 26.60
C SER D 244 1.98 50.15 27.56
N LEU D 245 2.09 49.76 28.82
CA LEU D 245 2.73 50.59 29.81
C LEU D 245 4.18 50.19 30.07
N GLY D 246 4.62 49.10 29.45
CA GLY D 246 6.00 48.69 29.65
C GLY D 246 6.28 47.23 29.95
N ILE D 247 5.25 46.41 30.14
CA ILE D 247 5.49 45.00 30.40
C ILE D 247 5.91 44.40 29.05
N ALA D 248 7.09 43.79 29.01
CA ALA D 248 7.60 43.18 27.79
C ALA D 248 7.67 41.66 27.84
N LYS D 249 7.71 41.12 29.06
CA LYS D 249 7.81 39.68 29.27
C LYS D 249 6.64 39.20 30.15
N ILE D 250 5.91 38.19 29.69
CA ILE D 250 4.79 37.68 30.47
C ILE D 250 4.95 36.19 30.72
N ASN D 251 5.27 35.82 31.96
CA ASN D 251 5.45 34.42 32.33
C ASN D 251 4.15 33.65 32.15
N THR D 252 4.23 32.48 31.53
CA THR D 252 3.08 31.65 31.26
C THR D 252 3.44 30.18 31.48
N ASP D 253 2.68 29.49 32.33
CA ASP D 253 2.95 28.09 32.63
C ASP D 253 1.67 27.29 32.92
N THR D 254 0.95 27.72 33.96
CA THR D 254 -0.30 27.08 34.39
C THR D 254 -1.23 26.70 33.25
N ASP D 255 -1.47 27.64 32.35
CA ASP D 255 -2.35 27.39 31.22
C ASP D 255 -1.87 26.23 30.34
N LEU D 256 -0.56 26.14 30.13
CA LEU D 256 -0.03 25.06 29.30
C LEU D 256 -0.20 23.73 30.01
N ARG D 257 0.06 23.70 31.32
CA ARG D 257 -0.07 22.46 32.09
C ARG D 257 -1.51 21.96 32.06
N LEU D 258 -2.46 22.85 32.32
CA LEU D 258 -3.88 22.47 32.32
C LEU D 258 -4.30 21.86 30.99
N ALA D 259 -4.02 22.57 29.90
CA ALA D 259 -4.38 22.07 28.57
C ALA D 259 -3.78 20.69 28.37
N PHE D 260 -2.47 20.57 28.56
CA PHE D 260 -1.77 19.30 28.38
C PHE D 260 -2.45 18.16 29.13
N THR D 261 -2.73 18.39 30.41
CA THR D 261 -3.36 17.38 31.25
C THR D 261 -4.80 17.06 30.85
N ALA D 262 -5.59 18.10 30.64
CA ALA D 262 -6.98 17.92 30.24
C ALA D 262 -7.09 16.97 29.05
N LEU D 263 -6.23 17.17 28.06
CA LEU D 263 -6.28 16.31 26.88
C LEU D 263 -5.79 14.88 27.11
N ILE D 264 -4.79 14.71 27.97
CA ILE D 264 -4.32 13.35 28.25
C ILE D 264 -5.50 12.58 28.87
N ARG D 265 -6.23 13.25 29.75
CA ARG D 265 -7.39 12.64 30.41
C ARG D 265 -8.49 12.25 29.43
N GLU D 266 -8.88 13.18 28.56
CA GLU D 266 -9.93 12.90 27.60
C GLU D 266 -9.59 11.63 26.81
N ALA D 267 -8.43 11.63 26.17
CA ALA D 267 -7.99 10.49 25.36
C ALA D 267 -7.97 9.18 26.14
N LEU D 268 -7.41 9.20 27.35
CA LEU D 268 -7.34 8.00 28.17
C LEU D 268 -8.70 7.56 28.71
N ASN D 269 -9.60 8.51 28.93
CA ASN D 269 -10.93 8.17 29.42
C ASN D 269 -11.77 7.48 28.36
N LYS D 270 -11.78 8.07 27.17
CA LYS D 270 -12.56 7.56 26.04
C LYS D 270 -11.83 6.44 25.24
N ASN D 271 -10.56 6.08 25.60
CA ASN D 271 -9.75 5.01 24.92
C ASN D 271 -8.90 4.13 25.91
N PRO D 272 -9.54 3.04 26.43
CA PRO D 272 -8.89 2.09 27.41
C PRO D 272 -7.62 1.45 26.95
N LYS D 273 -7.83 0.81 25.81
CA LYS D 273 -6.85 0.01 25.11
C LYS D 273 -5.77 0.78 24.40
N GLU D 274 -5.68 2.05 24.70
CA GLU D 274 -4.69 2.87 24.11
C GLU D 274 -3.50 3.05 25.02
N PHE D 275 -2.35 2.58 24.61
CA PHE D 275 -1.18 2.72 25.45
C PHE D 275 0.06 3.19 24.68
N ASP D 276 -0.20 3.70 23.47
CA ASP D 276 0.84 4.26 22.60
C ASP D 276 1.07 5.72 23.08
N PRO D 277 2.34 6.08 23.39
CA PRO D 277 2.54 7.42 23.97
C PRO D 277 1.93 8.52 23.20
N ARG D 278 2.45 8.54 21.99
CA ARG D 278 2.11 9.48 20.97
C ARG D 278 0.60 9.66 20.81
N LYS D 279 -0.23 8.61 21.05
CA LYS D 279 -1.66 8.77 20.83
C LYS D 279 -2.36 9.73 21.78
N TYR D 280 -1.89 9.82 23.02
CA TYR D 280 -2.51 10.73 23.97
C TYR D 280 -1.61 11.93 24.28
N LEU D 281 -0.31 11.78 24.03
CA LEU D 281 0.65 12.85 24.26
C LEU D 281 0.61 13.84 23.09
N GLY D 282 0.47 13.31 21.88
CA GLY D 282 0.42 14.16 20.70
C GLY D 282 -0.69 15.19 20.73
N PRO D 283 -1.95 14.77 20.94
CA PRO D 283 -3.06 15.73 20.97
C PRO D 283 -2.87 16.71 22.13
N ALA D 284 -2.22 16.25 23.19
CA ALA D 284 -1.96 17.08 24.34
C ALA D 284 -0.99 18.19 23.94
N ARG D 285 0.08 17.81 23.27
CA ARG D 285 1.11 18.73 22.80
C ARG D 285 0.46 19.78 21.89
N GLU D 286 -0.49 19.33 21.08
CA GLU D 286 -1.20 20.17 20.14
C GLU D 286 -2.04 21.21 20.88
N ALA D 287 -2.60 20.83 22.02
CA ALA D 287 -3.43 21.74 22.80
C ALA D 287 -2.56 22.86 23.40
N VAL D 288 -1.37 22.48 23.84
CA VAL D 288 -0.43 23.44 24.42
C VAL D 288 -0.04 24.45 23.35
N LYS D 289 0.21 23.95 22.15
CA LYS D 289 0.59 24.79 21.02
C LYS D 289 -0.47 25.85 20.73
N GLU D 290 -1.73 25.46 20.77
CA GLU D 290 -2.80 26.41 20.51
C GLU D 290 -2.85 27.44 21.63
N VAL D 291 -2.68 27.01 22.87
CA VAL D 291 -2.70 27.94 24.00
C VAL D 291 -1.60 28.96 23.81
N VAL D 292 -0.40 28.48 23.46
CA VAL D 292 0.73 29.37 23.25
C VAL D 292 0.46 30.36 22.12
N LYS D 293 -0.14 29.89 21.03
CA LYS D 293 -0.44 30.77 19.90
C LYS D 293 -1.43 31.85 20.31
N SER D 294 -2.39 31.50 21.16
CA SER D 294 -3.36 32.48 21.63
C SER D 294 -2.68 33.53 22.49
N ARG D 295 -1.77 33.10 23.37
CA ARG D 295 -1.05 34.03 24.23
C ARG D 295 -0.29 35.05 23.39
N MET D 296 0.41 34.57 22.36
CA MET D 296 1.18 35.45 21.48
C MET D 296 0.25 36.46 20.80
N GLU D 297 -0.95 35.98 20.46
CA GLU D 297 -1.94 36.83 19.82
C GLU D 297 -2.34 37.91 20.82
N LEU D 298 -2.65 37.49 22.04
CA LEU D 298 -3.02 38.42 23.09
C LEU D 298 -1.90 39.41 23.39
N PHE D 299 -0.65 38.92 23.40
CA PHE D 299 0.49 39.78 23.70
C PHE D 299 0.90 40.74 22.59
N GLY D 300 0.36 40.53 21.39
CA GLY D 300 0.69 41.38 20.26
C GLY D 300 2.02 41.08 19.59
N SER D 301 2.50 39.84 19.70
CA SER D 301 3.79 39.48 19.11
C SER D 301 3.72 38.78 17.75
N VAL D 302 2.53 38.55 17.23
CA VAL D 302 2.39 37.91 15.94
C VAL D 302 3.05 38.75 14.84
N GLY D 303 3.88 38.12 14.02
CA GLY D 303 4.55 38.82 12.95
C GLY D 303 5.64 39.78 13.39
N ARG D 304 6.00 39.72 14.66
CA ARG D 304 7.02 40.60 15.19
C ARG D 304 8.45 40.12 14.96
N ALA D 305 8.60 38.90 14.43
CA ALA D 305 9.94 38.36 14.20
C ALA D 305 10.63 39.01 13.00
S SO4 E . 0.08 -10.30 -38.04
O1 SO4 E . 0.14 -9.97 -39.47
O2 SO4 E . -1.32 -10.32 -37.60
O3 SO4 E . 0.68 -11.62 -37.80
O4 SO4 E . 0.82 -9.28 -37.27
S SO4 F . -2.30 -0.79 -39.84
O1 SO4 F . -0.94 -0.71 -39.27
O2 SO4 F . -2.65 0.48 -40.48
O3 SO4 F . -2.35 -1.87 -40.84
O4 SO4 F . -3.26 -1.09 -38.76
S SO4 G . -14.65 -17.30 -61.80
O1 SO4 G . -15.72 -16.54 -62.50
O2 SO4 G . -15.26 -18.17 -60.78
O3 SO4 G . -13.73 -16.36 -61.14
O4 SO4 G . -13.91 -18.12 -62.78
CO CO H . -2.69 -5.14 -45.07
NA NA I . -6.91 -8.10 -46.42
CO CO J . -1.10 -5.41 -46.95
S SO4 K . -15.88 -14.31 -9.87
O1 SO4 K . -15.39 -14.89 -8.61
O2 SO4 K . -15.11 -14.91 -10.98
O3 SO4 K . -17.31 -14.60 -10.04
O4 SO4 K . -15.69 -12.85 -9.86
S SO4 L . -9.31 -20.37 -5.34
O1 SO4 L . -8.95 -19.83 -4.00
O2 SO4 L . -8.07 -20.63 -6.11
O3 SO4 L . -10.06 -21.63 -5.17
O4 SO4 L . -10.13 -19.37 -6.05
S SO4 M . -33.94 -36.70 -8.90
O1 SO4 M . -33.89 -36.24 -10.29
O2 SO4 M . -35.20 -36.25 -8.28
O3 SO4 M . -32.80 -36.14 -8.15
O4 SO4 M . -33.87 -38.18 -8.86
CO CO N . -18.32 -22.35 -2.02
NA NA O . -18.54 -24.92 -7.94
S SO4 P . 8.21 -5.65 20.47
O1 SO4 P . 9.10 -6.52 21.26
O2 SO4 P . 7.11 -6.45 19.91
O3 SO4 P . 7.66 -4.59 21.33
O4 SO4 P . 8.99 -5.04 19.38
S SO4 Q . 30.76 -3.23 1.16
O1 SO4 Q . 30.83 -2.27 2.29
O2 SO4 Q . 29.39 -3.27 0.64
O3 SO4 Q . 31.17 -4.57 1.62
O4 SO4 Q . 31.68 -2.78 0.09
CO CO R . 10.89 -6.85 11.27
NA NA S . 15.16 -3.05 13.85
S SO4 T . 8.37 24.76 39.17
O1 SO4 T . 7.82 23.59 39.88
O2 SO4 T . 8.40 24.49 37.73
O3 SO4 T . 7.52 25.93 39.43
O4 SO4 T . 9.74 25.02 39.67
S SO4 U . 1.69 31.22 36.18
O1 SO4 U . 1.45 32.03 34.97
O2 SO4 U . 0.47 31.19 37.02
O3 SO4 U . 2.06 29.85 35.79
O4 SO4 U . 2.78 31.83 36.97
S SO4 V . 5.85 2.57 15.43
O1 SO4 V . 4.84 1.89 16.25
O2 SO4 V . 5.21 3.62 14.61
O3 SO4 V . 6.84 3.19 16.34
O4 SO4 V . 6.51 1.60 14.54
S SO4 W . 27.85 45.76 34.63
O1 SO4 W . 28.70 46.97 34.68
O2 SO4 W . 26.52 46.08 35.18
O3 SO4 W . 28.47 44.68 35.42
O4 SO4 W . 27.71 45.33 33.22
CO CO X . 8.49 36.23 40.91
NA NA Y . 11.45 34.75 35.24
#